data_6R0I
#
_entry.id   6R0I
#
_cell.length_a   128.309
_cell.length_b   128.309
_cell.length_c   115.807
_cell.angle_alpha   90.00
_cell.angle_beta   90.00
_cell.angle_gamma   90.00
#
_symmetry.space_group_name_H-M   'P 43 21 2'
#
loop_
_entity.id
_entity.type
_entity.pdbx_description
1 polymer 'Glycogen phosphorylase, muscle form'
2 non-polymer ~{N}-[(2~{R},3~{R},4~{S},5~{S},6~{R})-6-(hydroxymethyl)-3,4,5-tris(oxidanyl)oxan-2-yl]-4-phenyl-benzamide
3 non-polymer "PYRIDOXAL-5'-PHOSPHATE"
4 water water
#
_entity_poly.entity_id   1
_entity_poly.type   'polypeptide(L)'
_entity_poly.pdbx_seq_one_letter_code
;MSRPLSDQEKRKQISVRGLAGVENVTELKKNFNRHLHFTLVKDRNVATPRDYYFALAHTVRDHLVGRWIRTQQHYYEKDP
KRIYYLSLEFYMGRTLQNTMVNLALENACDEATYQLGLDMEELEEIEEDAGLGNGGLGRLAACFLDSMATLGLAAYGYGI
RYEFGIFNQKICGGWQMEEADDWLRYGNPWEKARPEFTLPVHFYGRVEHTSQGAKWVDTQVVLAMPYDTPVPGYRNNVVN
TMRLWSAKAPNDFNLKDFNVGGYIQAVLDRNLAENISRVLYPNDNFFEGKELRLKQEYFVVAATLQDIIRRFKSSKFGCR
DPVRTNFDAFPDKVAIQLNDTHPSLAIPELMRVLVDLERLDWDKAWEVTVKTCAYTNHTVLPEALERWPVHLLETLLPRH
LQIIYEINQRFLNRVAAAFPGDVDRLRRMSLVEEGAVKRINMAHLCIAGSHAVNGVARIHSEILKKTIFKDFYELEPHKF
QNKTNGITPRRWLVLCNPGLAEIIAERIGEEYISDLDQLRKLLSYVDDEAFIRDVAKVKQENKLKFAAYLEREYKVHINP
NSLFDVQVKRIHEYKRQLLNCLHVITLYNRIKKEPNKFVVPRTVMIGGKAAPGYHMAKMIIKLITAIGDVVNHDPVVGDR
LRVIFLENYRVSLAEKVIPAADLSEQISTAGTEASGTGNMKFMLNGALTIGTMDGANVEMAEEAGEENFFIFGMRVEDVD
RLDQRGYNAQEYYDRIPELRQIIEQLSSGFFSPKQPDLFKDIVNMLMHHDRFKVFADYEEYVKCQERVSALYKNPREWTR
MVIRNIATSGKFSSDRTIAQYAREIWGVEPSRQRLPAPDEKIP
;
_entity_poly.pdbx_strand_id   A
#
loop_
_chem_comp.id
_chem_comp.type
_chem_comp.name
_chem_comp.formula
JNB non-polymer ~{N}-[(2~{R},3~{R},4~{S},5~{S},6~{R})-6-(hydroxymethyl)-3,4,5-tris(oxidanyl)oxan-2-yl]-4-phenyl-benzamide 'C19 H21 N O6'
PLP non-polymer PYRIDOXAL-5'-PHOSPHATE 'C8 H10 N O6 P'
#
# COMPACT_ATOMS: atom_id res chain seq x y z
N GLN A 13 -31.59 -1.52 -3.65
CA GLN A 13 -31.46 -2.22 -4.96
C GLN A 13 -30.96 -3.67 -4.77
N ILE A 14 -29.74 -3.84 -4.21
CA ILE A 14 -29.13 -5.16 -3.92
C ILE A 14 -28.95 -5.39 -2.42
N SER A 15 -29.07 -6.64 -1.98
CA SER A 15 -29.19 -6.97 -0.56
C SER A 15 -27.98 -6.59 0.32
N VAL A 16 -26.76 -6.85 -0.17
CA VAL A 16 -25.54 -6.56 0.64
C VAL A 16 -25.34 -5.06 0.98
N ARG A 17 -25.99 -4.18 0.23
CA ARG A 17 -26.00 -2.73 0.50
C ARG A 17 -26.99 -2.24 1.60
N GLY A 18 -27.67 -3.17 2.29
CA GLY A 18 -28.46 -2.85 3.49
C GLY A 18 -29.87 -2.43 3.20
N LEU A 19 -30.59 -2.06 4.26
CA LEU A 19 -32.02 -1.70 4.16
C LEU A 19 -32.17 -0.22 3.84
N ALA A 20 -33.18 0.11 3.07
CA ALA A 20 -33.60 1.48 2.85
C ALA A 20 -34.97 1.61 3.51
N GLY A 21 -34.97 1.69 4.84
CA GLY A 21 -36.20 1.97 5.61
C GLY A 21 -36.79 3.35 5.37
N VAL A 22 -38.10 3.47 5.53
CA VAL A 22 -38.82 4.74 5.25
C VAL A 22 -38.35 5.84 6.19
N GLU A 23 -38.13 5.50 7.47
CA GLU A 23 -37.61 6.45 8.45
C GLU A 23 -36.13 6.81 8.26
N ASN A 24 -35.30 5.84 7.89
CA ASN A 24 -33.90 6.14 7.51
C ASN A 24 -33.83 7.14 6.37
N VAL A 25 -34.57 6.87 5.29
CA VAL A 25 -34.50 7.69 4.07
C VAL A 25 -34.96 9.11 4.35
N THR A 26 -36.09 9.24 5.04
CA THR A 26 -36.67 10.52 5.43
C THR A 26 -35.67 11.33 6.27
N GLU A 27 -35.01 10.68 7.22
CA GLU A 27 -34.06 11.36 8.10
C GLU A 27 -32.75 11.77 7.38
N LEU A 28 -32.28 10.97 6.43
CA LEU A 28 -31.12 11.31 5.64
C LEU A 28 -31.41 12.52 4.76
N LYS A 29 -32.55 12.51 4.09
CA LYS A 29 -32.95 13.65 3.24
C LYS A 29 -33.04 14.96 4.01
N LYS A 30 -33.62 14.89 5.19
CA LYS A 30 -33.81 16.06 6.03
C LYS A 30 -32.45 16.63 6.50
N ASN A 31 -31.54 15.76 6.89
CA ASN A 31 -30.19 16.15 7.31
C ASN A 31 -29.28 16.58 6.14
N PHE A 32 -29.51 16.01 4.95
CA PHE A 32 -28.84 16.46 3.75
C PHE A 32 -29.21 17.94 3.49
N ASN A 33 -30.49 18.26 3.51
CA ASN A 33 -30.95 19.65 3.34
C ASN A 33 -30.51 20.60 4.46
N ARG A 34 -30.41 20.09 5.69
CA ARG A 34 -29.92 20.88 6.82
C ARG A 34 -28.43 21.23 6.60
N HIS A 35 -27.63 20.24 6.23
CA HIS A 35 -26.22 20.50 5.91
C HIS A 35 -26.02 21.39 4.68
N LEU A 36 -26.86 21.26 3.65
CA LEU A 36 -26.73 22.11 2.46
C LEU A 36 -26.96 23.57 2.84
N HIS A 37 -27.99 23.79 3.66
CA HIS A 37 -28.36 25.12 4.13
C HIS A 37 -27.33 25.67 5.13
N PHE A 38 -27.17 24.98 6.26
CA PHE A 38 -26.42 25.52 7.40
C PHE A 38 -24.93 25.34 7.27
N THR A 39 -24.49 24.16 6.87
CA THR A 39 -23.05 23.87 6.77
C THR A 39 -22.41 24.50 5.54
N LEU A 40 -23.09 24.38 4.41
CA LEU A 40 -22.53 24.81 3.14
C LEU A 40 -22.98 26.18 2.72
N VAL A 41 -24.05 26.70 3.32
CA VAL A 41 -24.56 28.05 3.06
C VAL A 41 -24.91 28.21 1.57
N LYS A 42 -25.73 27.29 1.09
CA LYS A 42 -26.24 27.28 -0.28
C LYS A 42 -27.72 26.98 -0.21
N ASP A 43 -28.44 27.33 -1.27
CA ASP A 43 -29.76 26.76 -1.53
C ASP A 43 -29.62 25.96 -2.82
N ARG A 44 -30.68 25.25 -3.20
CA ARG A 44 -30.65 24.33 -4.34
C ARG A 44 -30.54 25.04 -5.71
N ASN A 45 -30.75 26.35 -5.76
CA ASN A 45 -30.60 27.10 -7.01
C ASN A 45 -29.15 27.37 -7.40
N VAL A 46 -28.25 27.46 -6.43
CA VAL A 46 -26.83 27.73 -6.71
C VAL A 46 -25.89 26.55 -6.43
N ALA A 47 -26.40 25.44 -5.93
CA ALA A 47 -25.55 24.34 -5.49
C ALA A 47 -24.84 23.65 -6.67
N THR A 48 -23.52 23.51 -6.54
CA THR A 48 -22.72 22.73 -7.49
C THR A 48 -22.81 21.26 -7.06
N PRO A 49 -22.53 20.31 -7.98
CA PRO A 49 -22.44 18.92 -7.51
C PRO A 49 -21.44 18.70 -6.37
N ARG A 50 -20.39 19.52 -6.30
CA ARG A 50 -19.45 19.48 -5.19
C ARG A 50 -20.13 19.75 -3.86
N ASP A 51 -21.03 20.74 -3.83
CA ASP A 51 -21.84 21.02 -2.65
C ASP A 51 -22.70 19.82 -2.26
N TYR A 52 -23.27 19.15 -3.25
CA TYR A 52 -24.09 17.97 -2.99
C TYR A 52 -23.29 16.85 -2.36
N TYR A 53 -22.08 16.61 -2.86
CA TYR A 53 -21.15 15.66 -2.26
C TYR A 53 -20.86 16.03 -0.80
N PHE A 54 -20.56 17.30 -0.54
CA PHE A 54 -20.23 17.73 0.81
C PHE A 54 -21.41 17.59 1.77
N ALA A 55 -22.61 17.91 1.29
CA ALA A 55 -23.80 17.74 2.10
C ALA A 55 -23.99 16.27 2.46
N LEU A 56 -23.81 15.39 1.48
CA LEU A 56 -23.89 13.96 1.73
C LEU A 56 -22.77 13.48 2.68
N ALA A 57 -21.55 13.94 2.45
CA ALA A 57 -20.42 13.54 3.29
C ALA A 57 -20.66 13.93 4.76
N HIS A 58 -21.08 15.17 4.98
CA HIS A 58 -21.46 15.61 6.32
C HIS A 58 -22.62 14.82 6.92
N THR A 59 -23.59 14.47 6.10
CA THR A 59 -24.73 13.66 6.55
C THR A 59 -24.30 12.28 7.03
N VAL A 60 -23.35 11.67 6.31
CA VAL A 60 -22.84 10.34 6.66
C VAL A 60 -21.90 10.42 7.88
N ARG A 61 -21.03 11.42 7.93
CA ARG A 61 -20.15 11.62 9.07
C ARG A 61 -20.94 11.72 10.37
N ASP A 62 -22.11 12.35 10.32
CA ASP A 62 -22.95 12.45 11.52
C ASP A 62 -23.29 11.10 12.13
N HIS A 63 -23.51 10.07 11.31
CA HIS A 63 -23.71 8.69 11.81
C HIS A 63 -22.48 8.04 12.46
N LEU A 64 -21.29 8.54 12.15
CA LEU A 64 -20.07 8.05 12.79
C LEU A 64 -19.87 8.56 14.21
N VAL A 65 -20.39 9.75 14.49
CA VAL A 65 -19.94 10.57 15.63
C VAL A 65 -20.20 9.91 16.97
N GLY A 66 -21.43 9.45 17.18
CA GLY A 66 -21.81 8.82 18.44
C GLY A 66 -21.07 7.51 18.66
N ARG A 67 -20.93 6.71 17.62
CA ARG A 67 -20.14 5.47 17.71
C ARG A 67 -18.66 5.76 18.04
N TRP A 68 -18.12 6.81 17.44
CA TRP A 68 -16.72 7.22 17.64
C TRP A 68 -16.47 7.65 19.07
N ILE A 69 -17.38 8.47 19.60
CA ILE A 69 -17.30 8.91 20.99
C ILE A 69 -17.44 7.73 21.93
N ARG A 70 -18.40 6.85 21.67
CA ARG A 70 -18.71 5.76 22.58
C ARG A 70 -17.62 4.67 22.56
N THR A 71 -16.98 4.47 21.40
CA THR A 71 -15.85 3.57 21.27
C THR A 71 -14.62 4.05 22.06
N GLN A 72 -14.30 5.35 21.95
CA GLN A 72 -13.17 5.91 22.70
C GLN A 72 -13.46 5.89 24.21
N GLN A 73 -14.72 6.08 24.58
CA GLN A 73 -15.19 5.92 25.98
C GLN A 73 -15.01 4.49 26.48
N HIS A 74 -15.46 3.53 25.69
CA HIS A 74 -15.35 2.11 26.00
C HIS A 74 -13.90 1.69 26.28
N TYR A 75 -12.95 2.18 25.48
CA TYR A 75 -11.54 1.85 25.69
C TYR A 75 -10.97 2.47 26.96
N TYR A 76 -11.45 3.65 27.34
CA TYR A 76 -11.05 4.23 28.62
C TYR A 76 -11.51 3.38 29.82
N GLU A 77 -12.76 2.91 29.77
CA GLU A 77 -13.33 2.12 30.86
C GLU A 77 -12.75 0.71 30.93
N LYS A 78 -12.69 0.02 29.79
CA LYS A 78 -12.14 -1.35 29.76
C LYS A 78 -10.63 -1.35 29.95
N ASP A 79 -9.95 -0.28 29.52
CA ASP A 79 -8.49 -0.21 29.50
C ASP A 79 -7.79 -1.42 28.86
N PRO A 80 -8.17 -1.78 27.61
CA PRO A 80 -7.49 -2.92 26.97
C PRO A 80 -6.07 -2.53 26.56
N LYS A 81 -5.28 -3.53 26.21
CA LYS A 81 -3.99 -3.27 25.60
C LYS A 81 -4.22 -2.53 24.28
N ARG A 82 -3.41 -1.51 24.03
CA ARG A 82 -3.60 -0.63 22.89
C ARG A 82 -2.51 -0.85 21.84
N ILE A 83 -2.92 -0.91 20.57
CA ILE A 83 -2.03 -1.16 19.43
C ILE A 83 -1.81 0.16 18.68
N TYR A 84 -0.56 0.52 18.50
CA TYR A 84 -0.18 1.72 17.80
C TYR A 84 0.54 1.29 16.52
N TYR A 85 -0.10 1.53 15.38
CA TYR A 85 0.46 1.21 14.08
C TYR A 85 1.14 2.47 13.55
N LEU A 86 2.46 2.54 13.67
CA LEU A 86 3.24 3.67 13.16
C LEU A 86 3.64 3.45 11.71
N SER A 87 3.22 4.37 10.85
CA SER A 87 3.55 4.32 9.43
C SER A 87 3.73 5.73 8.91
N LEU A 88 4.66 5.91 7.97
CA LEU A 88 4.84 7.18 7.28
C LEU A 88 3.86 7.27 6.12
N GLU A 89 3.17 6.17 5.83
CA GLU A 89 2.22 6.13 4.72
C GLU A 89 0.90 5.49 5.13
N PHE A 90 -0.20 6.14 4.74
CA PHE A 90 -1.56 5.59 4.84
C PHE A 90 -2.28 5.89 3.53
N TYR A 91 -2.43 4.88 2.68
CA TYR A 91 -3.03 5.05 1.36
C TYR A 91 -4.53 4.74 1.48
N MET A 92 -5.30 5.74 1.91
CA MET A 92 -6.69 5.54 2.34
C MET A 92 -7.70 5.53 1.20
N GLY A 93 -7.44 6.32 0.16
CA GLY A 93 -8.37 6.52 -0.93
C GLY A 93 -9.55 7.36 -0.49
N ARG A 94 -10.72 7.11 -1.06
CA ARG A 94 -11.91 7.81 -0.67
C ARG A 94 -12.54 7.15 0.54
N THR A 95 -13.25 7.96 1.32
CA THR A 95 -13.84 7.57 2.60
C THR A 95 -15.37 7.42 2.54
N LEU A 96 -16.06 8.08 1.61
CA LEU A 96 -17.51 8.20 1.69
C LEU A 96 -18.23 6.85 1.54
N GLN A 97 -17.95 6.17 0.44
CA GLN A 97 -18.56 4.86 0.14
C GLN A 97 -18.17 3.82 1.20
N ASN A 98 -16.90 3.85 1.61
CA ASN A 98 -16.43 2.93 2.65
C ASN A 98 -17.17 3.11 3.95
N THR A 99 -17.39 4.37 4.34
CA THR A 99 -18.15 4.68 5.54
C THR A 99 -19.59 4.14 5.43
N MET A 100 -20.23 4.37 4.27
CA MET A 100 -21.58 3.88 4.01
C MET A 100 -21.65 2.35 4.11
N VAL A 101 -20.67 1.67 3.55
CA VAL A 101 -20.64 0.22 3.55
C VAL A 101 -20.60 -0.32 4.97
N ASN A 102 -19.66 0.21 5.74
CA ASN A 102 -19.43 -0.27 7.11
C ASN A 102 -20.53 0.13 8.10
N LEU A 103 -21.33 1.13 7.76
CA LEU A 103 -22.50 1.50 8.57
C LEU A 103 -23.83 0.97 8.03
N ALA A 104 -23.80 0.11 7.01
CA ALA A 104 -24.99 -0.42 6.34
C ALA A 104 -25.92 0.66 5.78
N LEU A 105 -25.35 1.79 5.38
CA LEU A 105 -26.11 2.97 4.96
C LEU A 105 -26.21 3.17 3.46
N GLU A 106 -25.63 2.27 2.67
CA GLU A 106 -25.42 2.54 1.24
C GLU A 106 -26.74 2.65 0.46
N ASN A 107 -27.63 1.68 0.64
CA ASN A 107 -28.93 1.71 -0.03
C ASN A 107 -29.82 2.86 0.45
N ALA A 108 -29.81 3.13 1.75
CA ALA A 108 -30.60 4.22 2.30
C ALA A 108 -30.14 5.55 1.71
N CYS A 109 -28.82 5.79 1.67
CA CYS A 109 -28.29 7.01 1.04
C CYS A 109 -28.55 7.05 -0.46
N ASP A 110 -28.44 5.91 -1.14
CA ASP A 110 -28.80 5.81 -2.57
C ASP A 110 -30.24 6.27 -2.80
N GLU A 111 -31.16 5.71 -2.02
CA GLU A 111 -32.60 6.05 -2.08
C GLU A 111 -32.84 7.52 -1.74
N ALA A 112 -32.28 7.97 -0.62
CA ALA A 112 -32.43 9.35 -0.14
C ALA A 112 -32.01 10.34 -1.21
N THR A 113 -30.83 10.12 -1.78
CA THR A 113 -30.28 11.04 -2.78
C THR A 113 -31.10 10.98 -4.07
N TYR A 114 -31.46 9.77 -4.51
CA TYR A 114 -32.34 9.57 -5.67
C TYR A 114 -33.62 10.39 -5.57
N GLN A 115 -34.27 10.34 -4.40
CA GLN A 115 -35.49 11.14 -4.15
C GLN A 115 -35.28 12.66 -4.19
N LEU A 116 -34.07 13.12 -3.91
CA LEU A 116 -33.69 14.51 -4.12
C LEU A 116 -33.23 14.82 -5.55
N GLY A 117 -33.22 13.82 -6.42
CA GLY A 117 -32.94 14.01 -7.86
C GLY A 117 -31.46 14.05 -8.12
N LEU A 118 -30.69 13.25 -7.39
CA LEU A 118 -29.24 13.22 -7.49
C LEU A 118 -28.77 11.79 -7.67
N ASP A 119 -27.68 11.61 -8.42
CA ASP A 119 -27.03 10.32 -8.59
C ASP A 119 -25.87 10.23 -7.58
N MET A 120 -26.00 9.33 -6.62
CA MET A 120 -24.97 9.15 -5.60
C MET A 120 -23.62 8.78 -6.19
N GLU A 121 -23.61 7.95 -7.23
CA GLU A 121 -22.34 7.56 -7.87
C GLU A 121 -21.59 8.73 -8.47
N GLU A 122 -22.32 9.68 -9.05
CA GLU A 122 -21.75 10.92 -9.57
C GLU A 122 -21.15 11.78 -8.45
N LEU A 123 -21.82 11.82 -7.29
CA LEU A 123 -21.32 12.55 -6.10
C LEU A 123 -20.06 11.91 -5.50
N GLU A 124 -20.02 10.57 -5.49
CA GLU A 124 -18.87 9.83 -5.00
C GLU A 124 -17.58 10.14 -5.77
N GLU A 125 -17.71 10.35 -7.07
CA GLU A 125 -16.58 10.69 -7.96
C GLU A 125 -15.93 12.03 -7.70
N ILE A 126 -16.63 12.93 -7.00
CA ILE A 126 -16.10 14.25 -6.63
C ILE A 126 -15.10 14.21 -5.48
N GLU A 127 -15.20 13.21 -4.62
CA GLU A 127 -14.25 13.05 -3.52
C GLU A 127 -12.81 12.82 -4.01
N GLU A 128 -11.88 13.58 -3.43
CA GLU A 128 -10.46 13.36 -3.65
C GLU A 128 -10.01 12.13 -2.87
N ASP A 129 -9.18 11.31 -3.49
CA ASP A 129 -8.42 10.30 -2.73
C ASP A 129 -7.51 10.93 -1.69
N ALA A 130 -7.46 10.34 -0.50
CA ALA A 130 -6.37 10.61 0.44
C ALA A 130 -5.20 9.73 0.00
N GLY A 131 -4.34 10.29 -0.87
CA GLY A 131 -3.24 9.56 -1.47
C GLY A 131 -1.97 9.71 -0.68
N LEU A 132 -2.00 9.35 0.60
CA LEU A 132 -0.87 9.57 1.51
C LEU A 132 0.03 8.35 1.57
N GLY A 133 0.31 7.78 0.39
CA GLY A 133 1.13 6.59 0.29
C GLY A 133 1.56 6.37 -1.14
N ASN A 134 2.57 5.52 -1.31
CA ASN A 134 3.19 5.27 -2.60
C ASN A 134 2.57 4.09 -3.30
N GLY A 135 2.26 3.06 -2.51
CA GLY A 135 1.77 1.81 -3.07
C GLY A 135 1.44 0.81 -1.99
N GLY A 136 2.02 -0.38 -2.09
CA GLY A 136 1.60 -1.52 -1.29
C GLY A 136 1.70 -1.34 0.22
N LEU A 137 2.83 -0.82 0.68
CA LEU A 137 3.08 -0.59 2.09
C LEU A 137 2.05 0.38 2.66
N GLY A 138 1.79 1.46 1.96
CA GLY A 138 0.81 2.44 2.41
C GLY A 138 -0.60 1.89 2.40
N ARG A 139 -0.92 1.12 1.37
CA ARG A 139 -2.27 0.54 1.22
C ARG A 139 -2.48 -0.56 2.25
N LEU A 140 -1.40 -1.26 2.60
CA LEU A 140 -1.45 -2.27 3.68
C LEU A 140 -1.85 -1.65 5.00
N ALA A 141 -1.31 -0.47 5.28
CA ALA A 141 -1.66 0.25 6.49
C ALA A 141 -3.16 0.55 6.52
N ALA A 142 -3.71 0.97 5.37
CA ALA A 142 -5.13 1.28 5.28
C ALA A 142 -6.03 0.07 5.48
N CYS A 143 -5.76 -1.01 4.75
CA CYS A 143 -6.45 -2.29 4.94
C CYS A 143 -6.39 -2.79 6.39
N PHE A 144 -5.22 -2.65 7.00
CA PHE A 144 -5.01 -3.01 8.39
C PHE A 144 -5.89 -2.24 9.38
N LEU A 145 -5.99 -0.92 9.21
CA LEU A 145 -6.87 -0.11 10.06
C LEU A 145 -8.32 -0.60 10.00
N ASP A 146 -8.79 -0.87 8.78
CA ASP A 146 -10.12 -1.42 8.53
C ASP A 146 -10.31 -2.76 9.28
N SER A 147 -9.31 -3.62 9.17
CA SER A 147 -9.40 -4.95 9.81
C SER A 147 -9.33 -4.85 11.34
N MET A 148 -8.50 -3.93 11.83
CA MET A 148 -8.38 -3.74 13.29
C MET A 148 -9.69 -3.23 13.91
N ALA A 149 -10.40 -2.36 13.21
CA ALA A 149 -11.70 -1.86 13.64
C ALA A 149 -12.75 -2.97 13.54
N THR A 150 -12.72 -3.72 12.46
CA THR A 150 -13.64 -4.82 12.27
C THR A 150 -13.41 -5.96 13.30
N LEU A 151 -12.17 -6.15 13.76
CA LEU A 151 -11.89 -7.12 14.83
C LEU A 151 -11.91 -6.53 16.25
N GLY A 152 -12.41 -5.31 16.39
CA GLY A 152 -12.63 -4.72 17.72
C GLY A 152 -11.36 -4.53 18.54
N LEU A 153 -10.25 -4.23 17.88
CA LEU A 153 -8.98 -4.00 18.56
C LEU A 153 -8.85 -2.50 18.89
N ALA A 154 -8.30 -2.21 20.06
CA ALA A 154 -8.13 -0.83 20.50
C ALA A 154 -6.89 -0.30 19.82
N ALA A 155 -7.04 0.04 18.53
CA ALA A 155 -5.91 0.29 17.64
C ALA A 155 -5.94 1.74 17.16
N TYR A 156 -4.75 2.31 17.01
CA TYR A 156 -4.58 3.69 16.56
C TYR A 156 -3.56 3.73 15.44
N GLY A 157 -3.96 4.26 14.30
CA GLY A 157 -3.02 4.58 13.22
C GLY A 157 -2.41 5.94 13.51
N TYR A 158 -1.09 6.03 13.44
CA TYR A 158 -0.35 7.27 13.64
C TYR A 158 0.56 7.53 12.44
N GLY A 159 0.42 8.71 11.85
CA GLY A 159 1.22 9.14 10.71
C GLY A 159 1.30 10.66 10.55
N ILE A 160 1.59 11.10 9.34
CA ILE A 160 1.76 12.51 9.01
C ILE A 160 0.64 12.92 8.07
N ARG A 161 0.02 14.05 8.39
CA ARG A 161 -0.96 14.65 7.51
C ARG A 161 -0.20 15.46 6.47
N TYR A 162 0.11 14.82 5.34
CA TYR A 162 0.82 15.52 4.28
C TYR A 162 -0.14 16.45 3.56
N GLU A 163 0.24 17.71 3.37
CA GLU A 163 -0.54 18.62 2.50
C GLU A 163 -0.66 18.17 1.05
N PHE A 164 0.39 17.51 0.56
CA PHE A 164 0.43 16.97 -0.79
C PHE A 164 0.80 15.49 -0.70
N GLY A 165 -0.05 14.67 -1.28
CA GLY A 165 0.12 13.23 -1.26
C GLY A 165 0.93 12.86 -2.48
N ILE A 166 0.83 11.59 -2.87
CA ILE A 166 1.45 11.14 -4.10
C ILE A 166 0.91 12.03 -5.24
N PHE A 167 1.84 12.56 -6.04
CA PHE A 167 1.57 13.43 -7.16
C PHE A 167 0.51 12.90 -8.14
N ASN A 168 -0.23 13.81 -8.77
CA ASN A 168 -1.13 13.46 -9.83
C ASN A 168 -0.30 13.30 -11.09
N GLN A 169 -0.41 12.14 -11.73
CA GLN A 169 0.30 11.82 -12.95
C GLN A 169 -0.53 12.26 -14.16
N LYS A 170 0.07 13.12 -14.99
CA LYS A 170 -0.43 13.42 -16.33
C LYS A 170 0.52 12.79 -17.35
N ILE A 171 -0.02 12.35 -18.47
CA ILE A 171 0.78 11.92 -19.61
C ILE A 171 0.75 13.05 -20.64
N CYS A 172 1.92 13.52 -21.03
CA CYS A 172 2.06 14.56 -22.03
C CYS A 172 3.06 14.07 -23.09
N GLY A 173 2.59 13.89 -24.33
CA GLY A 173 3.40 13.35 -25.42
C GLY A 173 3.96 11.97 -25.12
N GLY A 174 3.17 11.17 -24.40
CA GLY A 174 3.62 9.88 -23.88
C GLY A 174 4.55 9.89 -22.66
N TRP A 175 4.94 11.06 -22.15
CA TRP A 175 5.79 11.15 -20.98
C TRP A 175 4.99 11.48 -19.73
N GLN A 176 5.39 10.90 -18.60
CA GLN A 176 4.86 11.29 -17.29
C GLN A 176 5.23 12.72 -16.95
N MET A 177 4.24 13.50 -16.55
CA MET A 177 4.46 14.80 -15.92
C MET A 177 3.80 14.72 -14.54
N GLU A 178 4.45 15.29 -13.55
CA GLU A 178 3.96 15.26 -12.18
C GLU A 178 3.34 16.59 -11.83
N GLU A 179 2.16 16.56 -11.22
CA GLU A 179 1.64 17.73 -10.56
C GLU A 179 1.14 17.46 -9.16
N ALA A 180 1.14 18.54 -8.39
CA ALA A 180 0.93 18.53 -6.97
C ALA A 180 -0.47 18.05 -6.67
N ASP A 181 -0.58 17.12 -5.71
CA ASP A 181 -1.85 16.55 -5.29
C ASP A 181 -2.38 17.42 -4.16
N ASP A 182 -3.11 18.45 -4.52
CA ASP A 182 -3.62 19.45 -3.60
C ASP A 182 -4.97 18.96 -3.06
N TRP A 183 -4.93 17.81 -2.39
CA TRP A 183 -6.14 17.11 -1.95
C TRP A 183 -6.98 17.80 -0.88
N LEU A 184 -6.42 18.77 -0.17
CA LEU A 184 -7.14 19.54 0.86
C LEU A 184 -7.73 20.88 0.39
N ARG A 185 -7.59 21.19 -0.90
CA ARG A 185 -8.05 22.46 -1.48
C ARG A 185 -9.49 22.81 -1.11
N TYR A 186 -10.38 21.84 -1.21
CA TYR A 186 -11.80 22.03 -0.92
C TYR A 186 -12.21 21.65 0.50
N GLY A 187 -11.25 21.29 1.35
CA GLY A 187 -11.53 20.81 2.71
C GLY A 187 -11.68 19.28 2.76
N ASN A 188 -11.36 18.72 3.92
CA ASN A 188 -11.52 17.30 4.21
C ASN A 188 -12.62 17.22 5.31
N PRO A 189 -13.84 16.78 4.96
CA PRO A 189 -14.89 16.68 5.96
C PRO A 189 -14.70 15.54 6.97
N TRP A 190 -13.83 14.59 6.67
CA TRP A 190 -13.68 13.41 7.51
C TRP A 190 -12.77 13.63 8.71
N GLU A 191 -11.87 14.61 8.65
CA GLU A 191 -10.93 14.84 9.74
C GLU A 191 -11.49 15.80 10.76
N LYS A 192 -10.98 15.72 11.99
CA LYS A 192 -11.25 16.70 13.04
C LYS A 192 -9.93 17.15 13.63
N ALA A 193 -9.57 18.41 13.39
CA ALA A 193 -8.41 19.04 14.01
C ALA A 193 -8.57 18.95 15.51
N ARG A 194 -7.48 18.65 16.21
CA ARG A 194 -7.50 18.60 17.67
C ARG A 194 -6.38 19.50 18.19
N PRO A 195 -6.46 20.81 17.93
CA PRO A 195 -5.36 21.74 18.31
C PRO A 195 -5.01 21.75 19.81
N GLU A 196 -5.96 21.40 20.65
CA GLU A 196 -5.73 21.22 22.09
C GLU A 196 -4.77 20.10 22.50
N PHE A 197 -4.53 19.13 21.62
CA PHE A 197 -3.57 18.03 21.89
C PHE A 197 -2.22 18.25 21.19
N THR A 198 -1.91 19.51 20.90
CA THR A 198 -0.66 19.91 20.24
C THR A 198 0.54 19.65 21.16
N LEU A 199 1.64 19.16 20.58
CA LEU A 199 2.80 18.70 21.33
C LEU A 199 4.08 19.22 20.70
N PRO A 200 5.09 19.56 21.53
CA PRO A 200 6.37 19.99 20.94
C PRO A 200 7.21 18.81 20.50
N VAL A 201 7.93 18.99 19.40
CA VAL A 201 8.95 18.09 18.92
C VAL A 201 10.23 18.90 18.78
N HIS A 202 11.34 18.31 19.24
CA HIS A 202 12.65 18.98 19.25
C HIS A 202 13.60 18.52 18.16
N PHE A 203 14.41 19.43 17.67
CA PHE A 203 15.44 19.17 16.67
C PHE A 203 16.73 19.94 17.03
N TYR A 204 17.84 19.45 16.49
CA TYR A 204 19.16 20.05 16.66
C TYR A 204 19.61 20.01 18.12
N GLY A 205 20.12 21.13 18.64
CA GLY A 205 20.63 21.17 20.00
C GLY A 205 21.93 20.43 20.19
N ARG A 206 22.22 20.11 21.43
CA ARG A 206 23.45 19.43 21.83
C ARG A 206 23.14 18.73 23.15
N VAL A 207 24.05 17.85 23.57
CA VAL A 207 23.87 17.07 24.78
C VAL A 207 24.82 17.57 25.86
N GLU A 208 24.26 17.98 26.99
CA GLU A 208 25.03 18.23 28.22
C GLU A 208 24.96 16.98 29.10
N HIS A 209 26.10 16.60 29.66
CA HIS A 209 26.16 15.56 30.70
C HIS A 209 26.29 16.24 32.05
N THR A 210 25.43 15.85 33.00
CA THR A 210 25.39 16.43 34.35
C THR A 210 25.52 15.30 35.40
N SER A 211 25.31 15.66 36.67
CA SER A 211 25.14 14.71 37.77
C SER A 211 23.95 13.77 37.53
N GLN A 212 22.82 14.37 37.14
CA GLN A 212 21.57 13.64 36.91
C GLN A 212 21.38 13.18 35.44
N GLY A 213 22.45 12.65 34.84
CA GLY A 213 22.42 12.14 33.46
C GLY A 213 22.44 13.19 32.36
N ALA A 214 22.13 12.72 31.15
CA ALA A 214 22.17 13.52 29.92
C ALA A 214 20.96 14.45 29.75
N LYS A 215 21.19 15.61 29.14
CA LYS A 215 20.21 16.67 28.97
C LYS A 215 20.31 17.19 27.54
N TRP A 216 19.22 17.07 26.79
CA TRP A 216 19.17 17.56 25.42
C TRP A 216 18.71 19.01 25.45
N VAL A 217 19.59 19.93 25.08
CA VAL A 217 19.36 21.39 25.25
C VAL A 217 19.59 22.17 23.94
N ASP A 218 19.16 23.45 23.95
CA ASP A 218 19.32 24.39 22.82
C ASP A 218 18.68 23.88 21.55
N THR A 219 17.51 23.29 21.68
CA THR A 219 16.84 22.64 20.57
C THR A 219 15.94 23.65 19.86
N GLN A 220 15.65 23.41 18.57
CA GLN A 220 14.56 24.10 17.88
C GLN A 220 13.27 23.30 18.08
N VAL A 221 12.20 24.00 18.38
CA VAL A 221 10.89 23.42 18.61
C VAL A 221 10.00 23.56 17.37
N VAL A 222 9.38 22.46 16.97
CA VAL A 222 8.30 22.42 16.01
C VAL A 222 7.09 21.81 16.72
N LEU A 223 5.92 22.40 16.53
CA LEU A 223 4.72 21.84 17.11
C LEU A 223 4.10 20.77 16.19
N ALA A 224 3.51 19.75 16.82
CA ALA A 224 2.77 18.73 16.11
C ALA A 224 1.32 18.89 16.49
N MET A 225 0.48 19.22 15.51
CA MET A 225 -0.95 19.35 15.73
C MET A 225 -1.65 18.11 15.17
N PRO A 226 -2.44 17.39 15.98
CA PRO A 226 -3.06 16.17 15.47
C PRO A 226 -4.38 16.44 14.77
N TYR A 227 -4.69 15.64 13.75
CA TYR A 227 -5.99 15.59 13.08
C TYR A 227 -6.52 14.17 13.18
N ASP A 228 -7.73 14.00 13.72
CA ASP A 228 -8.30 12.65 13.88
C ASP A 228 -9.29 12.34 12.79
N THR A 229 -9.14 11.15 12.20
CA THR A 229 -10.03 10.63 11.18
C THR A 229 -10.65 9.34 11.71
N PRO A 230 -11.98 9.20 11.59
CA PRO A 230 -12.61 7.98 12.06
C PRO A 230 -12.36 6.79 11.13
N VAL A 231 -12.23 5.61 11.74
CA VAL A 231 -12.03 4.34 11.03
C VAL A 231 -13.11 3.38 11.50
N PRO A 232 -14.24 3.30 10.78
CA PRO A 232 -15.31 2.44 11.22
C PRO A 232 -15.02 0.96 10.90
N GLY A 233 -15.32 0.09 11.85
CA GLY A 233 -15.33 -1.34 11.59
C GLY A 233 -16.59 -1.74 10.81
N TYR A 234 -16.59 -2.96 10.29
CA TYR A 234 -17.70 -3.46 9.50
C TYR A 234 -18.89 -3.85 10.36
N ARG A 235 -19.88 -2.97 10.43
CA ARG A 235 -21.16 -3.21 11.12
C ARG A 235 -21.05 -3.72 12.55
N ASN A 236 -20.01 -3.31 13.26
CA ASN A 236 -19.87 -3.69 14.68
C ASN A 236 -20.01 -2.49 15.61
N ASN A 237 -20.32 -1.32 15.03
CA ASN A 237 -20.38 -0.04 15.73
C ASN A 237 -19.07 0.43 16.37
N VAL A 238 -17.94 -0.17 15.98
CA VAL A 238 -16.65 0.23 16.49
C VAL A 238 -16.13 1.29 15.51
N VAL A 239 -15.60 2.39 16.05
CA VAL A 239 -14.97 3.42 15.25
C VAL A 239 -13.66 3.77 15.93
N ASN A 240 -12.55 3.34 15.32
CA ASN A 240 -11.19 3.60 15.80
C ASN A 240 -10.71 4.90 15.22
N THR A 241 -9.47 5.27 15.56
CA THR A 241 -8.91 6.59 15.17
C THR A 241 -7.62 6.46 14.38
N MET A 242 -7.52 7.24 13.30
CA MET A 242 -6.26 7.51 12.61
C MET A 242 -5.87 8.94 12.99
N ARG A 243 -4.73 9.10 13.65
CA ARG A 243 -4.25 10.41 14.10
C ARG A 243 -3.04 10.80 13.25
N LEU A 244 -3.20 11.88 12.48
CA LEU A 244 -2.16 12.37 11.60
C LEU A 244 -1.66 13.74 12.08
N TRP A 245 -0.33 13.88 12.15
CA TRP A 245 0.29 15.05 12.72
C TRP A 245 0.62 16.05 11.62
N SER A 246 0.33 17.32 11.92
CA SER A 246 0.67 18.45 11.08
C SER A 246 1.70 19.32 11.77
N ALA A 247 2.64 19.87 11.01
CA ALA A 247 3.71 20.71 11.56
C ALA A 247 3.28 22.17 11.65
N LYS A 248 3.49 22.77 12.81
CA LYS A 248 3.15 24.16 13.06
C LYS A 248 4.35 24.82 13.75
N ALA A 249 4.66 26.06 13.37
CA ALA A 249 5.71 26.81 14.06
C ALA A 249 5.18 27.36 15.37
N PRO A 250 6.03 27.41 16.42
CA PRO A 250 5.63 28.17 17.62
C PRO A 250 5.57 29.69 17.36
N ASN A 251 4.83 30.45 18.17
CA ASN A 251 4.58 31.89 17.84
C ASN A 251 5.73 32.85 18.12
N ASP A 252 6.68 32.43 18.98
CA ASP A 252 7.96 33.15 19.17
C ASP A 252 9.04 32.83 18.09
N PHE A 253 8.74 31.91 17.16
CA PHE A 253 9.66 31.46 16.08
C PHE A 253 10.23 32.61 15.23
N ASN A 254 11.57 32.70 15.24
CA ASN A 254 12.32 33.79 14.60
CA ASN A 254 12.32 33.79 14.60
C ASN A 254 11.97 35.18 15.17
N LEU A 255 11.40 35.23 16.39
CA LEU A 255 10.87 36.49 16.96
C LEU A 255 11.20 36.70 18.45
N GLY A 262 13.80 41.58 8.96
CA GLY A 262 13.31 41.66 10.34
C GLY A 262 11.97 40.94 10.51
N TYR A 263 10.95 41.70 10.90
CA TYR A 263 9.65 41.17 11.35
C TYR A 263 8.93 40.35 10.27
N ILE A 264 8.80 40.95 9.08
CA ILE A 264 8.05 40.31 7.97
C ILE A 264 8.71 39.00 7.62
N GLN A 265 10.02 39.06 7.46
CA GLN A 265 10.81 37.88 7.09
C GLN A 265 10.71 36.76 8.12
N ALA A 266 10.69 37.13 9.40
CA ALA A 266 10.52 36.14 10.47
C ALA A 266 9.18 35.41 10.38
N VAL A 267 8.13 36.14 10.02
CA VAL A 267 6.80 35.53 9.85
C VAL A 267 6.81 34.60 8.62
N LEU A 268 7.40 35.05 7.53
CA LEU A 268 7.48 34.21 6.30
C LEU A 268 8.33 32.95 6.51
N ASP A 269 9.38 33.05 7.32
CA ASP A 269 10.25 31.90 7.62
C ASP A 269 9.59 30.83 8.50
N ARG A 270 8.42 31.10 9.05
CA ARG A 270 7.63 30.04 9.71
C ARG A 270 7.40 28.83 8.81
N ASN A 271 7.35 29.05 7.50
CA ASN A 271 7.22 27.98 6.51
C ASN A 271 8.34 26.93 6.52
N LEU A 272 9.56 27.29 6.89
CA LEU A 272 10.62 26.29 7.00
C LEU A 272 10.28 25.15 7.96
N ALA A 273 9.71 25.49 9.12
CA ALA A 273 9.32 24.49 10.12
C ALA A 273 8.10 23.69 9.65
N GLU A 274 7.19 24.36 8.98
CA GLU A 274 5.96 23.73 8.52
C GLU A 274 6.15 22.87 7.26
N ASN A 275 7.26 23.05 6.55
CA ASN A 275 7.62 22.17 5.42
C ASN A 275 7.72 20.71 5.82
N ILE A 276 7.91 20.41 7.11
CA ILE A 276 8.04 19.03 7.59
C ILE A 276 6.89 18.14 7.15
N SER A 277 5.65 18.65 7.22
CA SER A 277 4.47 17.89 6.83
C SER A 277 3.90 18.29 5.46
N ARG A 278 4.71 18.92 4.61
CA ARG A 278 4.22 19.46 3.36
C ARG A 278 3.96 18.37 2.34
N VAL A 279 4.90 17.44 2.17
CA VAL A 279 4.84 16.52 1.01
C VAL A 279 5.35 15.11 1.27
N LEU A 280 4.60 14.12 0.80
CA LEU A 280 5.02 12.72 0.81
C LEU A 280 6.20 12.49 -0.16
N TYR A 281 7.25 11.85 0.32
CA TYR A 281 8.34 11.40 -0.57
C TYR A 281 7.85 10.30 -1.51
N PRO A 282 7.97 10.52 -2.83
CA PRO A 282 7.28 9.67 -3.80
C PRO A 282 8.05 8.44 -4.34
N ASN A 283 9.02 7.91 -3.59
CA ASN A 283 9.82 6.74 -4.04
C ASN A 283 9.28 5.40 -3.56
N ASP A 284 9.19 4.44 -4.48
CA ASP A 284 8.82 3.08 -4.17
C ASP A 284 10.12 2.22 -4.11
N ASN A 285 10.34 1.56 -2.98
CA ASN A 285 11.52 0.70 -2.74
C ASN A 285 12.85 1.38 -3.13
N PHE A 286 13.00 2.65 -2.76
CA PHE A 286 14.24 3.38 -2.96
C PHE A 286 14.47 4.38 -1.82
N PHE A 287 15.62 4.25 -1.16
CA PHE A 287 16.02 5.14 -0.07
C PHE A 287 16.70 6.39 -0.62
N GLU A 288 16.20 7.55 -0.22
CA GLU A 288 16.81 8.85 -0.51
C GLU A 288 17.11 9.45 0.87
N GLY A 289 18.39 9.63 1.19
CA GLY A 289 18.81 10.11 2.51
C GLY A 289 18.81 11.62 2.63
N LYS A 290 17.63 12.22 2.55
CA LYS A 290 17.49 13.68 2.63
C LYS A 290 17.06 14.10 4.03
N GLU A 291 17.57 15.24 4.48
CA GLU A 291 17.31 15.73 5.83
C GLU A 291 15.82 15.91 6.09
N LEU A 292 15.11 16.49 5.13
CA LEU A 292 13.68 16.71 5.33
C LEU A 292 12.95 15.37 5.65
N ARG A 293 13.35 14.29 4.99
CA ARG A 293 12.76 12.98 5.22
C ARG A 293 13.07 12.49 6.65
N LEU A 294 14.29 12.70 7.10
CA LEU A 294 14.65 12.33 8.47
C LEU A 294 13.79 13.12 9.47
N LYS A 295 13.60 14.42 9.23
CA LYS A 295 12.74 15.24 10.08
C LYS A 295 11.31 14.72 10.15
N GLN A 296 10.79 14.24 9.03
CA GLN A 296 9.47 13.64 8.99
C GLN A 296 9.38 12.41 9.87
N GLU A 297 10.40 11.56 9.81
CA GLU A 297 10.44 10.34 10.59
C GLU A 297 10.48 10.66 12.07
N TYR A 298 11.32 11.61 12.46
CA TYR A 298 11.41 11.92 13.90
C TYR A 298 10.11 12.60 14.38
N PHE A 299 9.57 13.47 13.54
CA PHE A 299 8.38 14.25 13.85
C PHE A 299 7.20 13.35 14.23
N VAL A 300 6.93 12.35 13.41
CA VAL A 300 5.83 11.41 13.67
C VAL A 300 6.12 10.54 14.90
N VAL A 301 7.37 10.16 15.06
CA VAL A 301 7.77 9.34 16.20
C VAL A 301 7.72 10.07 17.54
N ALA A 302 8.30 11.28 17.59
CA ALA A 302 8.32 12.08 18.83
C ALA A 302 6.92 12.44 19.34
N ALA A 303 6.08 12.91 18.42
CA ALA A 303 4.73 13.35 18.79
C ALA A 303 3.87 12.15 19.21
N THR A 304 3.95 11.06 18.45
CA THR A 304 3.22 9.83 18.73
C THR A 304 3.60 9.20 20.10
N LEU A 305 4.89 9.16 20.42
CA LEU A 305 5.33 8.57 21.68
C LEU A 305 4.94 9.38 22.90
N GLN A 306 4.91 10.70 22.78
CA GLN A 306 4.38 11.54 23.86
C GLN A 306 2.89 11.24 24.11
N ASP A 307 2.15 11.08 23.02
CA ASP A 307 0.73 10.78 23.06
C ASP A 307 0.45 9.40 23.68
N ILE A 308 1.29 8.42 23.33
CA ILE A 308 1.14 7.06 23.85
C ILE A 308 1.39 7.09 25.35
N ILE A 309 2.47 7.75 25.75
CA ILE A 309 2.87 7.79 27.16
C ILE A 309 1.84 8.55 28.01
N ARG A 310 1.31 9.65 27.49
CA ARG A 310 0.25 10.42 28.16
C ARG A 310 -1.00 9.56 28.39
N ARG A 311 -1.44 8.84 27.36
CA ARG A 311 -2.58 7.93 27.46
C ARG A 311 -2.33 6.79 28.44
N PHE A 312 -1.09 6.29 28.51
CA PHE A 312 -0.68 5.25 29.47
C PHE A 312 -0.71 5.72 30.94
N LYS A 313 -0.36 6.98 31.19
CA LYS A 313 -0.39 7.50 32.56
C LYS A 313 -1.79 7.79 33.10
N SER A 314 -2.80 7.81 32.20
CA SER A 314 -4.20 7.98 32.57
C SER A 314 -5.00 6.66 32.59
N SER A 315 -4.35 5.56 32.98
CA SER A 315 -5.01 4.25 32.98
C SER A 315 -6.03 4.14 34.12
N THR A 325 4.60 6.04 37.21
CA THR A 325 5.67 5.45 38.01
C THR A 325 6.11 4.10 37.42
N ASN A 326 5.15 3.19 37.22
CA ASN A 326 5.47 1.80 36.91
C ASN A 326 5.44 1.48 35.41
N PHE A 327 6.61 1.62 34.79
CA PHE A 327 6.78 1.29 33.37
C PHE A 327 6.97 -0.21 33.09
N ASP A 328 6.95 -1.06 34.12
CA ASP A 328 6.91 -2.52 33.91
C ASP A 328 5.63 -2.99 33.23
N ALA A 329 4.52 -2.31 33.48
CA ALA A 329 3.25 -2.62 32.86
C ALA A 329 3.07 -2.00 31.47
N PHE A 330 4.05 -1.23 31.01
CA PHE A 330 3.95 -0.51 29.75
C PHE A 330 3.74 -1.47 28.57
N PRO A 331 4.54 -2.56 28.48
CA PRO A 331 4.30 -3.53 27.39
C PRO A 331 3.03 -4.38 27.54
N ASP A 332 2.44 -4.44 28.74
CA ASP A 332 1.11 -5.04 28.89
C ASP A 332 -0.01 -4.17 28.37
N LYS A 333 0.23 -2.86 28.31
CA LYS A 333 -0.78 -1.89 27.87
C LYS A 333 -0.52 -1.25 26.51
N VAL A 334 0.68 -1.45 25.96
CA VAL A 334 1.12 -0.81 24.71
C VAL A 334 1.83 -1.81 23.82
N ALA A 335 1.42 -1.82 22.55
CA ALA A 335 2.18 -2.44 21.46
C ALA A 335 2.37 -1.37 20.41
N ILE A 336 3.59 -1.25 19.92
CA ILE A 336 3.96 -0.34 18.87
C ILE A 336 4.45 -1.17 17.70
N GLN A 337 3.71 -1.13 16.59
CA GLN A 337 4.12 -1.81 15.37
C GLN A 337 4.80 -0.84 14.42
N LEU A 338 6.01 -1.19 13.98
CA LEU A 338 6.79 -0.35 13.07
C LEU A 338 6.58 -0.85 11.66
N ASN A 339 5.96 -0.01 10.83
CA ASN A 339 5.69 -0.33 9.42
C ASN A 339 6.96 0.04 8.64
N ASP A 340 7.80 -0.98 8.45
CA ASP A 340 9.19 -0.85 7.98
C ASP A 340 10.03 -0.03 8.95
N THR A 341 11.22 0.40 8.50
CA THR A 341 12.15 1.12 9.36
C THR A 341 11.85 2.61 9.44
N HIS A 342 10.87 3.08 8.68
CA HIS A 342 10.62 4.53 8.57
C HIS A 342 10.36 5.20 9.94
N PRO A 343 9.69 4.51 10.86
CA PRO A 343 9.60 5.00 12.24
C PRO A 343 10.48 4.25 13.24
N SER A 344 11.64 3.77 12.79
CA SER A 344 12.60 3.05 13.64
C SER A 344 13.13 3.90 14.80
N LEU A 345 13.13 5.22 14.66
CA LEU A 345 13.55 6.13 15.74
C LEU A 345 12.68 6.04 16.99
N ALA A 346 11.48 5.47 16.87
CA ALA A 346 10.67 5.09 18.04
C ALA A 346 11.48 4.33 19.09
N ILE A 347 12.41 3.50 18.62
CA ILE A 347 13.24 2.69 19.51
C ILE A 347 14.18 3.53 20.39
N PRO A 348 15.08 4.34 19.78
CA PRO A 348 15.90 5.20 20.64
C PRO A 348 15.13 6.34 21.31
N GLU A 349 14.00 6.76 20.76
CA GLU A 349 13.16 7.79 21.37
C GLU A 349 12.50 7.25 22.64
N LEU A 350 12.00 6.02 22.57
CA LEU A 350 11.44 5.39 23.75
C LEU A 350 12.54 5.26 24.83
N MET A 351 13.74 4.84 24.44
CA MET A 351 14.86 4.81 25.37
C MET A 351 15.19 6.17 25.99
N ARG A 352 15.18 7.22 25.17
CA ARG A 352 15.49 8.59 25.61
C ARG A 352 14.50 9.07 26.66
N VAL A 353 13.23 8.88 26.36
CA VAL A 353 12.19 9.27 27.29
C VAL A 353 12.33 8.50 28.60
N LEU A 354 12.51 7.18 28.51
CA LEU A 354 12.57 6.32 29.71
C LEU A 354 13.81 6.58 30.54
N VAL A 355 14.97 6.71 29.89
CA VAL A 355 16.23 6.96 30.58
C VAL A 355 16.38 8.45 30.98
N ASP A 356 16.31 9.38 30.02
CA ASP A 356 16.62 10.80 30.29
C ASP A 356 15.51 11.53 31.04
N LEU A 357 14.25 11.27 30.68
CA LEU A 357 13.12 11.96 31.30
C LEU A 357 12.49 11.21 32.47
N GLU A 358 12.26 9.90 32.35
CA GLU A 358 11.62 9.11 33.44
C GLU A 358 12.62 8.50 34.44
N ARG A 359 13.91 8.53 34.09
CA ARG A 359 15.01 8.18 35.02
C ARG A 359 15.04 6.69 35.39
N LEU A 360 14.60 5.84 34.48
CA LEU A 360 14.77 4.39 34.61
C LEU A 360 16.20 4.08 34.26
N ASP A 361 16.72 2.98 34.82
CA ASP A 361 18.04 2.51 34.44
C ASP A 361 17.95 1.91 33.03
N TRP A 362 19.10 1.88 32.36
CA TRP A 362 19.20 1.45 30.98
C TRP A 362 18.59 0.09 30.69
N ASP A 363 18.98 -0.91 31.48
CA ASP A 363 18.57 -2.31 31.24
C ASP A 363 17.06 -2.50 31.37
N LYS A 364 16.44 -1.84 32.35
CA LYS A 364 14.99 -1.93 32.54
C LYS A 364 14.26 -1.23 31.39
N ALA A 365 14.73 -0.06 31.02
CA ALA A 365 14.21 0.67 29.86
C ALA A 365 14.27 -0.15 28.58
N TRP A 366 15.36 -0.88 28.39
CA TRP A 366 15.55 -1.70 27.20
C TRP A 366 14.60 -2.90 27.15
N GLU A 367 14.36 -3.49 28.31
CA GLU A 367 13.40 -4.58 28.46
C GLU A 367 12.03 -4.08 28.02
N VAL A 368 11.64 -2.92 28.52
CA VAL A 368 10.35 -2.31 28.19
C VAL A 368 10.24 -2.02 26.68
N THR A 369 11.29 -1.45 26.12
CA THR A 369 11.35 -1.09 24.70
C THR A 369 11.21 -2.32 23.78
N VAL A 370 12.01 -3.35 24.02
CA VAL A 370 12.00 -4.56 23.20
C VAL A 370 10.62 -5.23 23.22
N LYS A 371 10.04 -5.36 24.43
CA LYS A 371 8.71 -5.94 24.59
C LYS A 371 7.58 -5.11 24.00
N THR A 372 7.77 -3.79 23.89
CA THR A 372 6.77 -2.91 23.26
C THR A 372 6.80 -2.92 21.73
N CYS A 373 8.00 -2.96 21.16
CA CYS A 373 8.19 -2.73 19.72
C CYS A 373 8.29 -4.02 18.93
N ALA A 374 7.76 -3.93 17.71
CA ALA A 374 7.84 -5.02 16.72
C ALA A 374 7.97 -4.40 15.33
N TYR A 375 8.68 -5.10 14.45
CA TYR A 375 9.15 -4.55 13.19
C TYR A 375 8.66 -5.42 12.06
N THR A 376 7.95 -4.83 11.10
CA THR A 376 7.57 -5.49 9.86
C THR A 376 8.46 -5.01 8.72
N ASN A 377 9.16 -5.95 8.09
CA ASN A 377 10.01 -5.70 6.93
C ASN A 377 9.23 -5.94 5.65
N HIS A 378 9.39 -5.03 4.68
CA HIS A 378 8.68 -5.08 3.38
C HIS A 378 9.62 -5.17 2.17
N THR A 379 10.91 -5.34 2.44
CA THR A 379 11.97 -4.97 1.52
C THR A 379 12.92 -6.13 1.26
N VAL A 380 13.49 -6.13 0.09
CA VAL A 380 14.52 -7.10 -0.23
C VAL A 380 15.69 -6.41 -0.94
N LEU A 381 15.39 -5.44 -1.80
CA LEU A 381 16.41 -4.76 -2.58
C LEU A 381 17.27 -3.90 -1.65
N PRO A 382 18.61 -3.99 -1.78
CA PRO A 382 19.48 -3.25 -0.87
C PRO A 382 19.36 -1.72 -0.97
N GLU A 383 18.98 -1.21 -2.13
CA GLU A 383 18.75 0.23 -2.28
C GLU A 383 17.45 0.76 -1.60
N ALA A 384 16.61 -0.16 -1.12
CA ALA A 384 15.42 0.18 -0.34
C ALA A 384 15.69 0.30 1.20
N LEU A 385 16.81 -0.24 1.69
CA LEU A 385 17.13 -0.15 3.12
C LEU A 385 17.56 1.25 3.50
N GLU A 386 17.03 1.73 4.62
CA GLU A 386 17.45 3.02 5.16
C GLU A 386 18.78 2.90 5.86
N ARG A 387 19.77 3.62 5.34
CA ARG A 387 21.07 3.74 5.97
C ARG A 387 21.41 5.22 6.12
N TRP A 388 21.11 5.80 7.28
CA TRP A 388 21.25 7.23 7.46
C TRP A 388 22.71 7.61 7.80
N PRO A 389 23.33 8.51 6.99
CA PRO A 389 24.63 9.07 7.35
C PRO A 389 24.71 9.57 8.79
N VAL A 390 25.77 9.19 9.50
CA VAL A 390 26.00 9.59 10.89
C VAL A 390 26.05 11.10 11.05
N HIS A 391 26.67 11.83 10.13
CA HIS A 391 26.74 13.31 10.21
C HIS A 391 25.36 13.98 10.26
N LEU A 392 24.38 13.40 9.58
CA LEU A 392 22.99 13.88 9.65
C LEU A 392 22.38 13.69 11.03
N LEU A 393 22.50 12.50 11.58
CA LEU A 393 21.95 12.20 12.91
C LEU A 393 22.69 13.00 13.99
N GLU A 394 23.99 13.12 13.83
CA GLU A 394 24.82 13.91 14.72
C GLU A 394 24.30 15.36 14.86
N THR A 395 23.98 15.99 13.74
CA THR A 395 23.51 17.38 13.74
C THR A 395 22.07 17.48 14.22
N LEU A 396 21.21 16.60 13.72
CA LEU A 396 19.78 16.74 13.88
C LEU A 396 19.27 16.16 15.18
N LEU A 397 19.84 15.02 15.57
CA LEU A 397 19.37 14.23 16.71
C LEU A 397 20.56 13.72 17.51
N PRO A 398 21.36 14.63 18.08
CA PRO A 398 22.62 14.25 18.71
C PRO A 398 22.48 13.22 19.84
N ARG A 399 21.45 13.35 20.67
CA ARG A 399 21.18 12.41 21.76
C ARG A 399 20.79 10.98 21.27
N HIS A 400 19.95 10.93 20.23
CA HIS A 400 19.55 9.68 19.64
C HIS A 400 20.74 8.94 19.05
N LEU A 401 21.72 9.66 18.52
CA LEU A 401 22.92 9.00 18.00
C LEU A 401 23.70 8.34 19.13
N GLN A 402 23.82 9.03 20.28
CA GLN A 402 24.47 8.46 21.47
C GLN A 402 23.77 7.19 21.93
N ILE A 403 22.45 7.25 22.01
CA ILE A 403 21.65 6.11 22.40
C ILE A 403 21.85 4.96 21.40
N ILE A 404 21.86 5.27 20.11
CA ILE A 404 22.09 4.25 19.09
C ILE A 404 23.45 3.56 19.30
N TYR A 405 24.50 4.35 19.53
CA TYR A 405 25.87 3.82 19.74
C TYR A 405 25.95 2.89 20.95
N GLU A 406 25.31 3.31 22.04
CA GLU A 406 25.19 2.51 23.25
C GLU A 406 24.41 1.21 22.99
N ILE A 407 23.31 1.30 22.22
CA ILE A 407 22.55 0.10 21.85
C ILE A 407 23.45 -0.87 21.09
N ASN A 408 24.21 -0.33 20.14
CA ASN A 408 25.10 -1.12 19.29
C ASN A 408 26.19 -1.81 20.11
N GLN A 409 26.79 -1.09 21.05
CA GLN A 409 27.89 -1.64 21.85
C GLN A 409 27.40 -2.84 22.66
N ARG A 410 26.30 -2.65 23.36
CA ARG A 410 25.70 -3.71 24.15
C ARG A 410 25.25 -4.88 23.30
N PHE A 411 24.63 -4.58 22.16
CA PHE A 411 24.22 -5.62 21.21
C PHE A 411 25.44 -6.45 20.71
N LEU A 412 26.49 -5.75 20.30
CA LEU A 412 27.70 -6.43 19.82
C LEU A 412 28.40 -7.25 20.90
N ASN A 413 28.27 -6.87 22.18
CA ASN A 413 28.79 -7.69 23.27
C ASN A 413 28.05 -9.02 23.44
N ARG A 414 26.74 -9.02 23.17
CA ARG A 414 25.99 -10.27 23.14
C ARG A 414 26.43 -11.17 21.99
N VAL A 415 26.68 -10.58 20.82
CA VAL A 415 27.09 -11.32 19.63
C VAL A 415 28.46 -11.96 19.87
N ALA A 416 29.39 -11.17 20.40
CA ALA A 416 30.73 -11.64 20.77
C ALA A 416 30.70 -12.83 21.73
N ALA A 417 29.85 -12.75 22.74
CA ALA A 417 29.75 -13.82 23.75
C ALA A 417 29.13 -15.10 23.19
N ALA A 418 28.21 -14.95 22.24
CA ALA A 418 27.55 -16.09 21.60
C ALA A 418 28.40 -16.72 20.49
N PHE A 419 29.16 -15.89 19.75
CA PHE A 419 30.00 -16.36 18.65
C PHE A 419 31.44 -15.88 18.87
N PRO A 420 32.14 -16.41 19.90
CA PRO A 420 33.47 -15.87 20.22
C PRO A 420 34.45 -16.09 19.08
N GLY A 421 35.12 -15.01 18.70
CA GLY A 421 36.13 -15.02 17.66
C GLY A 421 35.61 -14.67 16.28
N ASP A 422 34.29 -14.71 16.07
CA ASP A 422 33.72 -14.43 14.77
C ASP A 422 33.66 -12.90 14.52
N VAL A 423 34.83 -12.36 14.17
CA VAL A 423 35.06 -10.94 13.98
C VAL A 423 34.25 -10.39 12.80
N ASP A 424 34.13 -11.18 11.75
CA ASP A 424 33.33 -10.80 10.59
C ASP A 424 31.86 -10.61 10.91
N ARG A 425 31.31 -11.50 11.73
CA ARG A 425 29.93 -11.40 12.16
C ARG A 425 29.71 -10.05 12.87
N LEU A 426 30.64 -9.64 13.74
CA LEU A 426 30.56 -8.35 14.43
C LEU A 426 30.42 -7.18 13.46
N ARG A 427 31.25 -7.18 12.43
CA ARG A 427 31.23 -6.16 11.40
C ARG A 427 29.89 -6.19 10.64
N ARG A 428 29.44 -7.38 10.24
CA ARG A 428 28.18 -7.54 9.51
C ARG A 428 26.93 -7.16 10.30
N MET A 429 26.95 -7.40 11.61
CA MET A 429 25.75 -7.20 12.41
C MET A 429 25.68 -5.82 13.03
N SER A 430 26.78 -5.07 12.98
CA SER A 430 26.84 -3.74 13.60
C SER A 430 25.70 -2.86 13.11
N LEU A 431 25.16 -2.05 14.00
CA LEU A 431 24.22 -1.01 13.60
C LEU A 431 24.95 0.10 12.85
N VAL A 432 26.25 0.25 13.10
CA VAL A 432 27.07 1.26 12.42
C VAL A 432 27.83 0.60 11.29
N GLU A 433 27.57 1.03 10.05
CA GLU A 433 28.34 0.60 8.90
C GLU A 433 29.55 1.49 8.66
N GLU A 434 30.75 0.90 8.65
CA GLU A 434 31.97 1.61 8.24
C GLU A 434 31.99 1.83 6.74
N GLY A 435 32.75 2.84 6.32
CA GLY A 435 32.82 3.26 4.90
C GLY A 435 33.32 4.69 4.80
N ALA A 436 33.33 5.22 3.57
CA ALA A 436 33.71 6.62 3.34
C ALA A 436 32.85 7.50 4.26
N VAL A 437 31.54 7.33 4.13
CA VAL A 437 30.57 7.95 5.02
C VAL A 437 30.07 6.83 5.95
N LYS A 438 30.24 7.01 7.25
CA LYS A 438 29.63 6.12 8.24
C LYS A 438 28.10 6.28 8.22
N ARG A 439 27.38 5.18 8.37
CA ARG A 439 25.91 5.15 8.29
C ARG A 439 25.33 4.29 9.41
N ILE A 440 24.10 4.59 9.80
CA ILE A 440 23.36 3.73 10.70
C ILE A 440 22.41 2.87 9.87
N ASN A 441 22.50 1.56 10.04
CA ASN A 441 21.55 0.63 9.41
C ASN A 441 20.31 0.52 10.30
N MET A 442 19.20 1.09 9.83
CA MET A 442 17.99 1.17 10.63
C MET A 442 17.27 -0.18 10.80
N ALA A 443 17.45 -1.07 9.82
CA ALA A 443 16.92 -2.41 9.91
C ALA A 443 17.58 -3.19 11.03
N HIS A 444 18.91 -3.09 11.11
CA HIS A 444 19.64 -3.70 12.21
C HIS A 444 19.16 -3.15 13.56
N LEU A 445 18.91 -1.84 13.62
CA LEU A 445 18.35 -1.20 14.83
C LEU A 445 17.00 -1.81 15.20
N CYS A 446 16.14 -2.03 14.20
CA CYS A 446 14.80 -2.55 14.45
C CYS A 446 14.83 -3.96 14.98
N ILE A 447 15.69 -4.81 14.42
CA ILE A 447 15.80 -6.19 14.85
C ILE A 447 16.30 -6.26 16.27
N ALA A 448 17.32 -5.46 16.59
CA ALA A 448 17.90 -5.43 17.93
C ALA A 448 16.90 -4.98 19.00
N GLY A 449 16.04 -4.02 18.64
CA GLY A 449 15.16 -3.34 19.58
C GLY A 449 13.71 -3.76 19.54
N SER A 450 13.42 -4.85 18.81
CA SER A 450 12.06 -5.37 18.68
C SER A 450 12.01 -6.80 19.19
N HIS A 451 10.90 -7.21 19.81
CA HIS A 451 10.72 -8.63 20.19
C HIS A 451 10.19 -9.49 19.03
N ALA A 452 9.79 -8.88 17.91
CA ALA A 452 9.34 -9.64 16.76
C ALA A 452 9.67 -8.91 15.47
N VAL A 453 10.09 -9.67 14.48
CA VAL A 453 10.43 -9.20 13.16
C VAL A 453 9.67 -10.12 12.24
N ASN A 454 8.87 -9.56 11.34
CA ASN A 454 8.13 -10.38 10.39
C ASN A 454 8.33 -9.89 8.95
N GLY A 455 8.37 -10.84 8.02
CA GLY A 455 8.19 -10.56 6.61
C GLY A 455 6.71 -10.68 6.30
N VAL A 456 6.40 -10.40 5.04
CA VAL A 456 5.04 -10.15 4.61
C VAL A 456 4.48 -11.23 3.66
N ALA A 457 5.25 -12.30 3.47
CA ALA A 457 4.78 -13.51 2.79
C ALA A 457 5.76 -14.59 3.13
N ARG A 458 5.32 -15.85 3.03
CA ARG A 458 6.13 -16.97 3.51
C ARG A 458 7.51 -17.02 2.85
N ILE A 459 7.57 -16.85 1.55
CA ILE A 459 8.84 -16.90 0.82
C ILE A 459 9.76 -15.74 1.23
N HIS A 460 9.18 -14.57 1.46
CA HIS A 460 9.91 -13.39 1.89
C HIS A 460 10.47 -13.55 3.30
N SER A 461 9.64 -14.01 4.22
CA SER A 461 10.10 -14.27 5.59
C SER A 461 11.18 -15.33 5.63
N GLU A 462 11.12 -16.32 4.74
CA GLU A 462 12.19 -17.32 4.65
C GLU A 462 13.47 -16.71 4.13
N ILE A 463 13.36 -15.89 3.09
CA ILE A 463 14.53 -15.18 2.55
C ILE A 463 15.22 -14.28 3.61
N LEU A 464 14.44 -13.66 4.50
CA LEU A 464 15.01 -12.88 5.61
C LEU A 464 15.83 -13.76 6.54
N LYS A 465 15.31 -14.96 6.83
CA LYS A 465 16.03 -15.91 7.68
C LYS A 465 17.24 -16.56 7.03
N LYS A 466 17.17 -16.84 5.74
CA LYS A 466 18.24 -17.56 5.01
C LYS A 466 19.38 -16.68 4.57
N THR A 467 19.10 -15.45 4.12
CA THR A 467 20.12 -14.60 3.50
C THR A 467 20.27 -13.20 4.16
N ILE A 468 19.25 -12.36 4.07
CA ILE A 468 19.39 -10.94 4.39
C ILE A 468 19.72 -10.70 5.88
N PHE A 469 19.00 -11.38 6.79
CA PHE A 469 19.24 -11.28 8.23
C PHE A 469 19.62 -12.62 8.88
N LYS A 470 20.25 -13.51 8.11
CA LYS A 470 20.75 -14.80 8.58
C LYS A 470 21.49 -14.75 9.94
N ASP A 471 22.41 -13.79 10.07
CA ASP A 471 23.18 -13.59 11.30
C ASP A 471 22.31 -13.28 12.53
N PHE A 472 21.26 -12.48 12.34
CA PHE A 472 20.35 -12.06 13.41
C PHE A 472 19.44 -13.21 13.80
N TYR A 473 18.97 -13.93 12.79
CA TYR A 473 18.21 -15.17 13.00
C TYR A 473 18.98 -16.20 13.85
N GLU A 474 20.27 -16.37 13.58
CA GLU A 474 21.10 -17.32 14.34
C GLU A 474 21.25 -16.90 15.78
N LEU A 475 21.33 -15.58 16.02
CA LEU A 475 21.37 -15.06 17.37
C LEU A 475 20.04 -15.21 18.08
N GLU A 476 18.95 -14.81 17.44
CA GLU A 476 17.64 -14.73 18.11
C GLU A 476 16.54 -15.32 17.22
N PRO A 477 16.54 -16.65 17.06
CA PRO A 477 15.60 -17.33 16.15
C PRO A 477 14.13 -17.06 16.50
N HIS A 478 13.84 -17.01 17.79
CA HIS A 478 12.51 -16.70 18.30
C HIS A 478 11.89 -15.37 17.82
N LYS A 479 12.69 -14.38 17.42
CA LYS A 479 12.15 -13.10 16.94
C LYS A 479 11.46 -13.16 15.58
N PHE A 480 11.85 -14.09 14.72
CA PHE A 480 11.46 -14.05 13.31
C PHE A 480 10.18 -14.81 13.04
N GLN A 481 9.21 -14.13 12.44
CA GLN A 481 7.91 -14.70 12.16
C GLN A 481 7.54 -14.38 10.71
N ASN A 482 6.47 -15.00 10.25
CA ASN A 482 5.83 -14.62 9.02
C ASN A 482 4.44 -14.14 9.37
N LYS A 483 3.99 -13.09 8.67
CA LYS A 483 2.61 -12.66 8.64
C LYS A 483 2.31 -12.31 7.19
N THR A 484 1.73 -13.26 6.46
CA THR A 484 1.39 -13.05 5.07
C THR A 484 0.34 -11.95 4.95
N ASN A 485 0.58 -11.06 4.02
CA ASN A 485 -0.28 -9.90 3.77
C ASN A 485 -1.71 -10.32 3.38
N GLY A 486 -2.59 -9.34 3.41
CA GLY A 486 -3.96 -9.50 3.03
C GLY A 486 -4.54 -8.16 2.60
N ILE A 487 -5.81 -8.21 2.19
CA ILE A 487 -6.54 -7.05 1.72
C ILE A 487 -7.91 -7.09 2.38
N THR A 488 -8.47 -5.93 2.69
CA THR A 488 -9.83 -5.89 3.22
C THR A 488 -10.88 -6.22 2.15
N PRO A 489 -11.69 -7.24 2.38
CA PRO A 489 -12.76 -7.53 1.43
C PRO A 489 -13.93 -6.55 1.50
N ARG A 490 -13.92 -5.60 2.43
CA ARG A 490 -14.92 -4.56 2.39
C ARG A 490 -14.67 -3.63 1.21
N ARG A 491 -13.55 -2.93 1.20
CA ARG A 491 -13.20 -2.08 0.04
C ARG A 491 -12.99 -2.91 -1.22
N TRP A 492 -12.28 -4.03 -1.12
CA TRP A 492 -11.83 -4.73 -2.31
C TRP A 492 -12.78 -5.79 -2.86
N LEU A 493 -13.99 -5.87 -2.31
CA LEU A 493 -15.04 -6.68 -2.91
C LEU A 493 -16.38 -5.97 -2.83
N VAL A 494 -16.92 -5.80 -1.61
CA VAL A 494 -18.27 -5.24 -1.43
C VAL A 494 -18.37 -3.84 -2.03
N LEU A 495 -17.35 -3.02 -1.79
CA LEU A 495 -17.37 -1.65 -2.25
C LEU A 495 -17.18 -1.55 -3.76
N CYS A 496 -16.15 -2.19 -4.29
CA CYS A 496 -15.76 -2.00 -5.68
C CYS A 496 -16.47 -2.96 -6.65
N ASN A 497 -17.10 -4.01 -6.14
CA ASN A 497 -17.67 -5.04 -7.00
C ASN A 497 -18.96 -5.57 -6.37
N PRO A 498 -19.95 -4.68 -6.18
CA PRO A 498 -21.19 -5.04 -5.49
C PRO A 498 -21.94 -6.21 -6.16
N GLY A 499 -21.93 -6.22 -7.50
CA GLY A 499 -22.54 -7.28 -8.28
C GLY A 499 -21.99 -8.67 -8.02
N LEU A 500 -20.68 -8.78 -7.83
CA LEU A 500 -20.07 -10.05 -7.48
C LEU A 500 -20.41 -10.43 -6.05
N ALA A 501 -20.34 -9.46 -5.14
CA ALA A 501 -20.69 -9.68 -3.73
C ALA A 501 -22.10 -10.20 -3.57
N GLU A 502 -23.00 -9.68 -4.40
CA GLU A 502 -24.41 -10.02 -4.33
C GLU A 502 -24.66 -11.46 -4.77
N ILE A 503 -24.08 -11.85 -5.91
CA ILE A 503 -24.31 -13.22 -6.42
C ILE A 503 -23.71 -14.26 -5.47
N ILE A 504 -22.61 -13.90 -4.82
CA ILE A 504 -22.04 -14.77 -3.79
C ILE A 504 -22.99 -14.86 -2.62
N ALA A 505 -23.46 -13.68 -2.17
CA ALA A 505 -24.41 -13.59 -1.07
C ALA A 505 -25.73 -14.33 -1.33
N GLU A 506 -26.19 -14.38 -2.59
CA GLU A 506 -27.40 -15.16 -2.92
C GLU A 506 -27.24 -16.64 -2.55
N ARG A 507 -26.06 -17.20 -2.80
CA ARG A 507 -25.77 -18.60 -2.52
C ARG A 507 -25.43 -18.89 -1.07
N ILE A 508 -24.51 -18.12 -0.48
CA ILE A 508 -23.93 -18.47 0.82
C ILE A 508 -24.14 -17.46 1.96
N GLY A 509 -24.90 -16.39 1.70
CA GLY A 509 -25.20 -15.40 2.73
C GLY A 509 -24.13 -14.32 2.82
N GLU A 510 -24.32 -13.41 3.77
CA GLU A 510 -23.47 -12.25 3.97
C GLU A 510 -22.31 -12.43 4.95
N GLU A 511 -22.27 -13.54 5.68
CA GLU A 511 -21.27 -13.73 6.73
C GLU A 511 -19.83 -13.69 6.22
N TYR A 512 -19.62 -14.07 4.95
CA TYR A 512 -18.27 -14.10 4.36
C TYR A 512 -17.56 -12.76 4.35
N ILE A 513 -18.31 -11.65 4.39
CA ILE A 513 -17.72 -10.33 4.26
C ILE A 513 -16.79 -10.03 5.43
N SER A 514 -17.04 -10.63 6.59
CA SER A 514 -16.12 -10.51 7.74
C SER A 514 -15.57 -11.87 8.19
N ASP A 515 -15.68 -12.85 7.32
CA ASP A 515 -15.14 -14.18 7.54
C ASP A 515 -14.93 -14.79 6.17
N LEU A 516 -13.92 -14.27 5.47
CA LEU A 516 -13.72 -14.58 4.06
C LEU A 516 -13.41 -16.04 3.74
N ASP A 517 -12.99 -16.83 4.74
CA ASP A 517 -12.80 -18.30 4.57
C ASP A 517 -14.05 -19.00 4.10
N GLN A 518 -15.21 -18.47 4.50
CA GLN A 518 -16.50 -18.97 4.00
C GLN A 518 -16.68 -19.03 2.47
N LEU A 519 -15.84 -18.31 1.71
CA LEU A 519 -15.82 -18.42 0.25
C LEU A 519 -15.52 -19.83 -0.27
N ARG A 520 -14.85 -20.69 0.50
CA ARG A 520 -14.70 -22.11 0.13
C ARG A 520 -16.01 -22.82 -0.19
N LYS A 521 -17.12 -22.40 0.42
CA LYS A 521 -18.42 -22.98 0.11
C LYS A 521 -18.80 -22.81 -1.36
N LEU A 522 -18.25 -21.80 -2.04
CA LEU A 522 -18.44 -21.63 -3.49
C LEU A 522 -17.87 -22.77 -4.34
N LEU A 523 -16.98 -23.58 -3.80
CA LEU A 523 -16.48 -24.76 -4.55
C LEU A 523 -17.56 -25.76 -4.92
N SER A 524 -18.64 -25.83 -4.15
CA SER A 524 -19.74 -26.72 -4.53
C SER A 524 -20.65 -26.11 -5.61
N TYR A 525 -20.37 -24.91 -6.08
CA TYR A 525 -21.07 -24.28 -7.21
C TYR A 525 -20.27 -24.26 -8.51
N VAL A 526 -19.12 -24.93 -8.52
CA VAL A 526 -18.22 -24.93 -9.68
C VAL A 526 -18.81 -25.61 -10.93
N ASP A 527 -19.80 -26.49 -10.75
CA ASP A 527 -20.53 -27.11 -11.84
C ASP A 527 -22.01 -26.68 -11.93
N ASP A 528 -22.36 -25.58 -11.28
CA ASP A 528 -23.72 -25.05 -11.31
C ASP A 528 -23.80 -24.04 -12.45
N GLU A 529 -24.59 -24.34 -13.48
CA GLU A 529 -24.70 -23.51 -14.70
C GLU A 529 -25.16 -22.08 -14.42
N ALA A 530 -26.09 -21.93 -13.47
CA ALA A 530 -26.63 -20.61 -13.11
C ALA A 530 -25.54 -19.74 -12.52
N PHE A 531 -24.76 -20.30 -11.60
CA PHE A 531 -23.67 -19.57 -10.96
C PHE A 531 -22.50 -19.25 -11.92
N ILE A 532 -22.15 -20.21 -12.78
CA ILE A 532 -21.21 -19.96 -13.89
C ILE A 532 -21.68 -18.76 -14.75
N ARG A 533 -22.95 -18.77 -15.13
CA ARG A 533 -23.51 -17.69 -15.94
C ARG A 533 -23.49 -16.35 -15.19
N ASP A 534 -23.78 -16.37 -13.88
CA ASP A 534 -23.79 -15.14 -13.09
C ASP A 534 -22.40 -14.56 -12.89
N VAL A 535 -21.43 -15.42 -12.62
CA VAL A 535 -20.04 -14.98 -12.46
C VAL A 535 -19.53 -14.31 -13.75
N ALA A 536 -19.77 -14.95 -14.88
CA ALA A 536 -19.34 -14.40 -16.19
C ALA A 536 -20.10 -13.13 -16.54
N LYS A 537 -21.37 -13.06 -16.17
CA LYS A 537 -22.22 -11.89 -16.42
C LYS A 537 -21.74 -10.65 -15.63
N VAL A 538 -21.44 -10.83 -14.35
CA VAL A 538 -20.90 -9.74 -13.55
C VAL A 538 -19.60 -9.18 -14.17
N LYS A 539 -18.71 -10.09 -14.58
CA LYS A 539 -17.45 -9.71 -15.21
C LYS A 539 -17.72 -8.89 -16.45
N GLN A 540 -18.64 -9.35 -17.28
CA GLN A 540 -19.00 -8.65 -18.50
C GLN A 540 -19.58 -7.26 -18.19
N GLU A 541 -20.44 -7.18 -17.19
CA GLU A 541 -21.00 -5.89 -16.76
C GLU A 541 -19.89 -4.93 -16.30
N ASN A 542 -18.92 -5.43 -15.52
CA ASN A 542 -17.80 -4.63 -15.04
C ASN A 542 -16.91 -4.14 -16.18
N LYS A 543 -16.74 -4.97 -17.21
CA LYS A 543 -15.93 -4.60 -18.38
C LYS A 543 -16.62 -3.53 -19.22
N LEU A 544 -17.92 -3.69 -19.46
CA LEU A 544 -18.74 -2.66 -20.11
C LEU A 544 -18.67 -1.34 -19.35
N LYS A 545 -18.76 -1.40 -18.03
CA LYS A 545 -18.72 -0.20 -17.19
C LYS A 545 -17.34 0.49 -17.24
N PHE A 546 -16.27 -0.28 -17.21
CA PHE A 546 -14.92 0.29 -17.30
C PHE A 546 -14.59 0.77 -18.71
N ALA A 547 -15.09 0.09 -19.73
CA ALA A 547 -14.93 0.52 -21.14
C ALA A 547 -15.60 1.86 -21.41
N ALA A 548 -16.76 2.06 -20.80
CA ALA A 548 -17.50 3.32 -20.89
C ALA A 548 -16.78 4.42 -20.11
N TYR A 549 -16.15 4.07 -18.98
CA TYR A 549 -15.36 5.04 -18.20
C TYR A 549 -14.19 5.58 -19.00
N LEU A 550 -13.50 4.70 -19.74
CA LEU A 550 -12.41 5.14 -20.59
C LEU A 550 -12.89 6.06 -21.71
N GLU A 551 -14.08 5.79 -22.24
CA GLU A 551 -14.72 6.66 -23.24
C GLU A 551 -14.93 8.10 -22.72
N ARG A 552 -15.70 8.27 -21.63
CA ARG A 552 -16.07 9.61 -21.15
C ARG A 552 -14.87 10.44 -20.60
N GLU A 553 -14.05 9.84 -19.73
CA GLU A 553 -12.97 10.57 -19.03
C GLU A 553 -11.69 10.73 -19.84
N TYR A 554 -11.39 9.77 -20.73
CA TYR A 554 -10.14 9.77 -21.53
C TYR A 554 -10.29 9.56 -23.05
N LYS A 555 -11.51 9.58 -23.59
CA LYS A 555 -11.77 9.52 -25.05
C LYS A 555 -10.91 8.52 -25.87
N VAL A 556 -11.01 7.25 -25.49
CA VAL A 556 -10.34 6.13 -26.17
C VAL A 556 -11.30 4.92 -26.19
N HIS A 557 -11.42 4.25 -27.34
CA HIS A 557 -12.41 3.16 -27.52
C HIS A 557 -11.79 1.76 -27.48
N ILE A 558 -12.32 0.91 -26.59
CA ILE A 558 -11.87 -0.47 -26.44
C ILE A 558 -12.98 -1.49 -26.70
N ASN A 559 -12.60 -2.60 -27.31
CA ASN A 559 -13.46 -3.77 -27.55
C ASN A 559 -13.69 -4.49 -26.21
N PRO A 560 -14.94 -4.49 -25.69
CA PRO A 560 -15.15 -5.15 -24.39
C PRO A 560 -15.31 -6.68 -24.47
N ASN A 561 -15.34 -7.24 -25.69
CA ASN A 561 -15.25 -8.69 -25.88
C ASN A 561 -13.85 -9.23 -25.77
N SER A 562 -12.84 -8.36 -25.80
CA SER A 562 -11.44 -8.76 -25.68
C SER A 562 -11.12 -9.21 -24.25
N LEU A 563 -10.02 -9.95 -24.12
CA LEU A 563 -9.45 -10.33 -22.82
C LEU A 563 -8.79 -9.08 -22.23
N PHE A 564 -9.13 -8.74 -21.00
CA PHE A 564 -8.57 -7.56 -20.32
C PHE A 564 -7.32 -7.99 -19.54
N ASP A 565 -6.17 -7.70 -20.13
CA ASP A 565 -4.86 -8.07 -19.63
C ASP A 565 -4.34 -6.84 -18.88
N VAL A 566 -4.31 -6.92 -17.54
CA VAL A 566 -4.04 -5.76 -16.69
C VAL A 566 -2.80 -5.95 -15.83
N GLN A 567 -1.93 -4.94 -15.86
CA GLN A 567 -0.79 -4.81 -14.97
C GLN A 567 -0.83 -3.42 -14.33
N VAL A 568 -1.26 -3.35 -13.07
CA VAL A 568 -1.29 -2.10 -12.35
C VAL A 568 -0.55 -2.21 -11.01
N LYS A 569 0.35 -1.24 -10.79
CA LYS A 569 1.33 -1.23 -9.70
C LYS A 569 2.34 -0.12 -10.04
N ARG A 570 3.13 0.32 -9.08
CA ARG A 570 4.17 1.29 -9.37
C ARG A 570 5.14 0.78 -10.46
N ILE A 571 5.73 1.73 -11.20
CA ILE A 571 6.67 1.39 -12.25
C ILE A 571 8.04 1.17 -11.63
N HIS A 572 8.54 -0.05 -11.76
CA HIS A 572 9.86 -0.42 -11.25
C HIS A 572 10.42 -1.50 -12.15
N GLU A 573 11.73 -1.46 -12.36
CA GLU A 573 12.43 -2.53 -13.08
C GLU A 573 12.15 -3.95 -12.54
N TYR A 574 12.04 -4.09 -11.21
CA TYR A 574 11.87 -5.42 -10.62
C TYR A 574 10.48 -6.01 -10.91
N LYS A 575 9.50 -5.14 -11.14
CA LYS A 575 8.12 -5.54 -11.42
C LYS A 575 7.92 -5.97 -12.88
N ARG A 576 8.89 -5.58 -13.72
CA ARG A 576 9.06 -6.10 -15.08
C ARG A 576 7.90 -5.83 -16.04
N GLN A 577 7.40 -4.60 -15.97
CA GLN A 577 6.53 -4.07 -16.99
C GLN A 577 7.20 -4.29 -18.37
N LEU A 578 8.52 -4.17 -18.44
CA LEU A 578 9.27 -4.43 -19.66
C LEU A 578 9.05 -5.84 -20.24
N LEU A 579 8.98 -6.86 -19.37
CA LEU A 579 8.65 -8.21 -19.83
C LEU A 579 7.28 -8.22 -20.52
N ASN A 580 6.31 -7.52 -19.93
CA ASN A 580 4.95 -7.36 -20.52
C ASN A 580 5.05 -6.67 -21.88
N CYS A 581 5.88 -5.64 -21.98
CA CYS A 581 6.07 -4.92 -23.24
C CYS A 581 6.59 -5.83 -24.33
N LEU A 582 7.54 -6.68 -23.96
CA LEU A 582 8.10 -7.64 -24.90
C LEU A 582 7.05 -8.59 -25.41
N HIS A 583 6.18 -9.07 -24.52
CA HIS A 583 5.07 -9.92 -24.96
C HIS A 583 4.12 -9.16 -25.89
N VAL A 584 3.80 -7.91 -25.55
CA VAL A 584 2.90 -7.10 -26.37
C VAL A 584 3.43 -6.96 -27.79
N ILE A 585 4.73 -6.66 -27.91
CA ILE A 585 5.38 -6.47 -29.20
C ILE A 585 5.45 -7.81 -29.97
N THR A 586 5.69 -8.91 -29.24
CA THR A 586 5.67 -10.25 -29.81
C THR A 586 4.31 -10.54 -30.50
N LEU A 587 3.21 -10.29 -29.80
CA LEU A 587 1.86 -10.47 -30.37
C LEU A 587 1.64 -9.61 -31.61
N TYR A 588 2.06 -8.36 -31.53
CA TYR A 588 1.97 -7.44 -32.65
C TYR A 588 2.74 -7.97 -33.88
N ASN A 589 3.96 -8.45 -33.68
CA ASN A 589 4.78 -8.99 -34.79
C ASN A 589 4.23 -10.30 -35.36
N ARG A 590 3.65 -11.14 -34.50
CA ARG A 590 2.96 -12.35 -34.94
C ARG A 590 1.74 -12.06 -35.80
N ILE A 591 0.96 -11.06 -35.41
CA ILE A 591 -0.19 -10.61 -36.20
C ILE A 591 0.30 -10.10 -37.55
N LYS A 592 1.31 -9.23 -37.57
CA LYS A 592 1.85 -8.68 -38.83
C LYS A 592 2.45 -9.75 -39.74
N LYS A 593 3.02 -10.79 -39.16
CA LYS A 593 3.55 -11.93 -39.91
C LYS A 593 2.40 -12.71 -40.58
N GLU A 594 1.37 -13.07 -39.80
CA GLU A 594 0.23 -13.84 -40.29
C GLU A 594 -1.08 -13.09 -39.99
N PRO A 595 -1.36 -12.03 -40.75
CA PRO A 595 -2.48 -11.15 -40.43
C PRO A 595 -3.86 -11.78 -40.49
N ASN A 596 -4.03 -12.84 -41.29
CA ASN A 596 -5.34 -13.48 -41.45
C ASN A 596 -5.53 -14.73 -40.60
N LYS A 597 -4.75 -14.88 -39.54
CA LYS A 597 -4.95 -15.97 -38.58
C LYS A 597 -5.72 -15.44 -37.36
N PHE A 598 -6.62 -16.25 -36.81
CA PHE A 598 -7.34 -15.86 -35.61
C PHE A 598 -6.39 -15.79 -34.41
N VAL A 599 -6.57 -14.74 -33.61
CA VAL A 599 -5.95 -14.63 -32.29
C VAL A 599 -7.02 -14.15 -31.33
N VAL A 600 -6.94 -14.56 -30.07
CA VAL A 600 -7.85 -14.07 -29.06
C VAL A 600 -7.58 -12.57 -28.91
N PRO A 601 -8.62 -11.73 -29.07
CA PRO A 601 -8.41 -10.29 -28.89
C PRO A 601 -8.00 -9.94 -27.47
N ARG A 602 -7.10 -8.96 -27.33
CA ARG A 602 -6.68 -8.45 -26.02
C ARG A 602 -6.70 -6.95 -25.97
N THR A 603 -7.14 -6.42 -24.83
CA THR A 603 -6.82 -5.07 -24.44
C THR A 603 -5.79 -5.22 -23.32
N VAL A 604 -4.57 -4.74 -23.60
CA VAL A 604 -3.50 -4.74 -22.65
C VAL A 604 -3.47 -3.37 -21.99
N MET A 605 -3.68 -3.35 -20.68
CA MET A 605 -3.71 -2.13 -19.91
C MET A 605 -2.58 -2.20 -18.90
N ILE A 606 -1.69 -1.21 -18.96
CA ILE A 606 -0.63 -1.09 -18.00
C ILE A 606 -0.74 0.29 -17.38
N GLY A 607 -0.62 0.35 -16.06
CA GLY A 607 -0.74 1.62 -15.36
C GLY A 607 0.14 1.68 -14.13
N GLY A 608 0.54 2.88 -13.76
CA GLY A 608 1.36 3.11 -12.59
C GLY A 608 2.15 4.38 -12.67
N LYS A 609 2.51 4.90 -11.50
CA LYS A 609 3.39 6.06 -11.40
C LYS A 609 4.84 5.64 -11.24
N ALA A 610 5.72 6.40 -11.90
CA ALA A 610 7.17 6.34 -11.69
C ALA A 610 7.61 7.40 -10.70
N ALA A 611 8.58 7.08 -9.85
CA ALA A 611 9.17 8.09 -8.95
C ALA A 611 9.78 9.17 -9.83
N PRO A 612 9.56 10.45 -9.52
CA PRO A 612 10.08 11.57 -10.33
C PRO A 612 11.56 11.51 -10.71
N GLY A 613 12.42 10.97 -9.84
CA GLY A 613 13.85 10.85 -10.16
C GLY A 613 14.32 9.57 -10.84
N TYR A 614 13.40 8.62 -11.08
CA TYR A 614 13.75 7.29 -11.56
C TYR A 614 13.65 7.31 -13.07
N HIS A 615 14.77 7.65 -13.71
CA HIS A 615 14.86 7.84 -15.16
C HIS A 615 14.36 6.61 -15.95
N MET A 616 14.81 5.42 -15.57
CA MET A 616 14.43 4.19 -16.27
C MET A 616 12.92 3.93 -16.18
N ALA A 617 12.31 4.19 -15.03
CA ALA A 617 10.86 4.04 -14.90
C ALA A 617 10.09 4.98 -15.83
N LYS A 618 10.62 6.20 -16.01
CA LYS A 618 10.02 7.17 -16.89
C LYS A 618 10.18 6.76 -18.35
N MET A 619 11.29 6.11 -18.69
CA MET A 619 11.48 5.60 -20.05
C MET A 619 10.53 4.46 -20.38
N ILE A 620 10.28 3.60 -19.40
CA ILE A 620 9.34 2.48 -19.53
C ILE A 620 7.92 2.97 -19.82
N ILE A 621 7.48 4.00 -19.09
CA ILE A 621 6.19 4.65 -19.39
C ILE A 621 6.17 5.11 -20.84
N LYS A 622 7.23 5.81 -21.25
CA LYS A 622 7.33 6.30 -22.63
C LYS A 622 7.33 5.17 -23.66
N LEU A 623 7.98 4.04 -23.35
CA LEU A 623 7.96 2.88 -24.24
C LEU A 623 6.52 2.34 -24.37
N ILE A 624 5.85 2.20 -23.24
CA ILE A 624 4.47 1.71 -23.23
C ILE A 624 3.57 2.54 -24.15
N THR A 625 3.63 3.87 -24.03
CA THR A 625 2.76 4.73 -24.84
C THR A 625 3.20 4.73 -26.30
N ALA A 626 4.50 4.60 -26.56
CA ALA A 626 5.05 4.50 -27.92
C ALA A 626 4.65 3.17 -28.63
N ILE A 627 4.55 2.08 -27.86
CA ILE A 627 4.04 0.82 -28.40
C ILE A 627 2.58 1.00 -28.82
N GLY A 628 1.80 1.60 -27.90
CA GLY A 628 0.41 1.98 -28.15
C GLY A 628 0.20 2.82 -29.39
N ASP A 629 1.09 3.77 -29.64
CA ASP A 629 1.02 4.62 -30.83
C ASP A 629 1.13 3.84 -32.12
N VAL A 630 1.96 2.80 -32.14
CA VAL A 630 2.09 1.95 -33.32
C VAL A 630 0.93 0.95 -33.36
N VAL A 631 0.70 0.25 -32.25
CA VAL A 631 -0.23 -0.88 -32.26
C VAL A 631 -1.68 -0.42 -32.47
N ASN A 632 -2.11 0.61 -31.74
CA ASN A 632 -3.51 1.04 -31.78
C ASN A 632 -3.93 1.72 -33.08
N HIS A 633 -2.98 2.09 -33.94
CA HIS A 633 -3.32 2.76 -35.20
C HIS A 633 -2.99 1.94 -36.45
N ASP A 634 -2.54 0.68 -36.28
CA ASP A 634 -2.25 -0.22 -37.40
C ASP A 634 -3.57 -0.84 -37.90
N PRO A 635 -3.97 -0.52 -39.15
CA PRO A 635 -5.27 -1.03 -39.64
C PRO A 635 -5.32 -2.56 -39.77
N VAL A 636 -4.17 -3.19 -40.00
CA VAL A 636 -4.11 -4.64 -40.07
C VAL A 636 -4.41 -5.32 -38.71
N VAL A 637 -4.08 -4.65 -37.61
CA VAL A 637 -4.34 -5.19 -36.28
C VAL A 637 -5.83 -5.21 -36.00
N GLY A 638 -6.51 -4.10 -36.26
CA GLY A 638 -7.95 -3.98 -36.03
C GLY A 638 -8.21 -3.81 -34.56
N ASP A 639 -9.33 -4.34 -34.07
CA ASP A 639 -9.60 -4.37 -32.62
C ASP A 639 -9.00 -5.60 -31.91
N ARG A 640 -8.12 -6.36 -32.59
CA ARG A 640 -7.53 -7.56 -32.01
C ARG A 640 -6.51 -7.27 -30.92
N LEU A 641 -5.79 -6.15 -31.02
CA LEU A 641 -4.82 -5.78 -30.00
C LEU A 641 -4.85 -4.29 -29.72
N ARG A 642 -4.92 -3.94 -28.43
CA ARG A 642 -4.92 -2.55 -27.99
C ARG A 642 -4.03 -2.43 -26.79
N VAL A 643 -3.25 -1.36 -26.74
CA VAL A 643 -2.36 -1.10 -25.62
C VAL A 643 -2.72 0.26 -25.04
N ILE A 644 -3.11 0.25 -23.78
CA ILE A 644 -3.61 1.45 -23.11
C ILE A 644 -2.74 1.67 -21.89
N PHE A 645 -2.16 2.87 -21.77
CA PHE A 645 -1.54 3.26 -20.54
C PHE A 645 -2.59 3.91 -19.64
N LEU A 646 -2.90 3.29 -18.50
CA LEU A 646 -3.88 3.85 -17.55
C LEU A 646 -3.26 4.96 -16.73
N GLU A 647 -3.74 6.17 -16.97
CA GLU A 647 -3.17 7.38 -16.38
C GLU A 647 -3.59 7.53 -14.92
N ASN A 648 -2.69 8.05 -14.09
CA ASN A 648 -2.96 8.38 -12.68
C ASN A 648 -3.48 7.21 -11.82
N TYR A 649 -2.81 6.06 -11.93
CA TYR A 649 -3.18 4.91 -11.12
C TYR A 649 -3.09 5.24 -9.64
N ARG A 650 -4.19 5.01 -8.94
CA ARG A 650 -4.36 5.41 -7.55
C ARG A 650 -5.44 4.48 -7.01
N VAL A 651 -5.78 4.63 -5.74
CA VAL A 651 -6.69 3.68 -5.08
C VAL A 651 -8.07 3.66 -5.76
N SER A 652 -8.63 4.82 -6.06
CA SER A 652 -9.97 4.88 -6.67
C SER A 652 -10.01 4.37 -8.13
N LEU A 653 -8.89 4.44 -8.84
CA LEU A 653 -8.80 3.79 -10.17
C LEU A 653 -8.67 2.27 -10.05
N ALA A 654 -7.94 1.79 -9.05
CA ALA A 654 -7.87 0.34 -8.79
C ALA A 654 -9.27 -0.24 -8.52
N GLU A 655 -10.11 0.52 -7.82
CA GLU A 655 -11.47 0.08 -7.54
C GLU A 655 -12.29 -0.10 -8.81
N LYS A 656 -11.98 0.63 -9.88
CA LYS A 656 -12.69 0.49 -11.16
C LYS A 656 -12.11 -0.58 -12.07
N VAL A 657 -10.79 -0.59 -12.21
CA VAL A 657 -10.13 -1.46 -13.18
C VAL A 657 -10.02 -2.94 -12.71
N ILE A 658 -9.80 -3.16 -11.41
CA ILE A 658 -9.61 -4.51 -10.90
C ILE A 658 -10.84 -5.41 -11.09
N PRO A 659 -12.05 -4.91 -10.76
CA PRO A 659 -13.26 -5.70 -11.08
C PRO A 659 -13.47 -5.99 -12.57
N ALA A 660 -12.90 -5.17 -13.45
CA ALA A 660 -12.99 -5.37 -14.89
C ALA A 660 -11.95 -6.31 -15.49
N ALA A 661 -10.94 -6.71 -14.74
CA ALA A 661 -9.80 -7.47 -15.29
C ALA A 661 -10.10 -8.96 -15.48
N ASP A 662 -9.58 -9.53 -16.57
CA ASP A 662 -9.58 -10.98 -16.78
C ASP A 662 -8.25 -11.62 -16.36
N LEU A 663 -7.14 -10.97 -16.72
CA LEU A 663 -5.80 -11.49 -16.45
C LEU A 663 -5.01 -10.50 -15.61
N SER A 664 -4.51 -11.00 -14.47
CA SER A 664 -3.69 -10.25 -13.54
C SER A 664 -2.22 -10.59 -13.81
N GLU A 665 -1.44 -9.54 -14.06
CA GLU A 665 -0.02 -9.67 -14.38
C GLU A 665 0.78 -9.42 -13.10
N GLN A 666 1.40 -10.51 -12.61
CA GLN A 666 2.20 -10.48 -11.38
C GLN A 666 3.53 -11.14 -11.69
N ILE A 667 4.41 -10.40 -12.34
CA ILE A 667 5.52 -10.99 -13.12
C ILE A 667 6.90 -10.48 -12.70
N SER A 668 7.02 -10.12 -11.42
CA SER A 668 8.28 -9.80 -10.79
C SER A 668 9.26 -10.95 -10.89
N THR A 669 10.54 -10.64 -11.07
CA THR A 669 11.61 -11.63 -11.00
C THR A 669 11.53 -12.31 -9.64
N ALA A 670 11.60 -13.63 -9.61
CA ALA A 670 11.48 -14.38 -8.35
C ALA A 670 12.49 -13.90 -7.31
N GLY A 671 11.99 -13.68 -6.09
CA GLY A 671 12.77 -13.16 -4.98
C GLY A 671 12.73 -11.64 -4.76
N THR A 672 12.05 -10.89 -5.62
CA THR A 672 12.07 -9.42 -5.56
C THR A 672 10.80 -8.76 -5.00
N GLU A 673 9.63 -9.35 -5.24
CA GLU A 673 8.37 -8.82 -4.68
C GLU A 673 8.10 -9.50 -3.31
N ALA A 674 8.23 -8.74 -2.22
CA ALA A 674 8.17 -9.30 -0.87
C ALA A 674 6.90 -10.09 -0.65
N SER A 675 5.78 -9.48 -1.04
CA SER A 675 4.48 -10.10 -1.02
C SER A 675 3.69 -9.78 -2.28
N GLY A 676 3.41 -8.49 -2.45
CA GLY A 676 2.38 -8.02 -3.36
C GLY A 676 1.03 -8.11 -2.68
N THR A 677 0.15 -7.16 -3.03
CA THR A 677 -1.25 -7.19 -2.61
C THR A 677 -2.25 -6.96 -3.74
N GLY A 678 -1.83 -6.27 -4.79
CA GLY A 678 -2.60 -6.20 -6.01
C GLY A 678 -3.02 -7.59 -6.44
N ASN A 679 -2.07 -8.51 -6.46
CA ASN A 679 -2.34 -9.91 -6.81
C ASN A 679 -3.61 -10.46 -6.12
N MET A 680 -3.74 -10.18 -4.82
CA MET A 680 -4.88 -10.63 -4.02
C MET A 680 -6.17 -9.94 -4.41
N LYS A 681 -6.10 -8.65 -4.74
CA LYS A 681 -7.30 -7.91 -5.15
C LYS A 681 -7.89 -8.51 -6.40
N PHE A 682 -7.02 -8.84 -7.36
CA PHE A 682 -7.46 -9.46 -8.61
C PHE A 682 -8.06 -10.84 -8.42
N MET A 683 -7.46 -11.65 -7.54
CA MET A 683 -7.96 -13.00 -7.28
CA MET A 683 -7.94 -13.00 -7.25
C MET A 683 -9.36 -12.93 -6.69
N LEU A 684 -9.59 -11.96 -5.81
CA LEU A 684 -10.88 -11.81 -5.13
C LEU A 684 -12.00 -11.39 -6.11
N ASN A 685 -11.61 -10.70 -7.18
CA ASN A 685 -12.54 -10.07 -8.11
C ASN A 685 -12.68 -10.75 -9.49
N GLY A 686 -12.21 -11.98 -9.62
CA GLY A 686 -12.56 -12.81 -10.79
C GLY A 686 -11.62 -12.72 -11.98
N ALA A 687 -10.36 -12.41 -11.70
CA ALA A 687 -9.34 -12.44 -12.73
C ALA A 687 -8.46 -13.65 -12.46
N LEU A 688 -7.95 -14.27 -13.53
CA LEU A 688 -6.90 -15.28 -13.40
C LEU A 688 -5.56 -14.58 -13.39
N THR A 689 -4.58 -15.27 -12.84
CA THR A 689 -3.28 -14.68 -12.58
C THR A 689 -2.22 -15.37 -13.43
N ILE A 690 -1.45 -14.58 -14.16
CA ILE A 690 -0.20 -15.06 -14.77
C ILE A 690 0.91 -14.48 -13.93
N GLY A 691 1.77 -15.35 -13.43
CA GLY A 691 2.83 -14.88 -12.56
C GLY A 691 3.92 -15.84 -12.21
N THR A 692 4.98 -15.28 -11.65
CA THR A 692 6.13 -16.03 -11.20
C THR A 692 5.87 -16.55 -9.78
N MET A 693 6.69 -17.50 -9.35
CA MET A 693 6.65 -17.97 -7.96
C MET A 693 7.42 -16.99 -7.08
N ASP A 694 6.76 -15.86 -6.84
CA ASP A 694 7.29 -14.76 -6.08
C ASP A 694 6.27 -14.28 -5.06
N GLY A 695 6.75 -13.83 -3.90
CA GLY A 695 5.89 -13.23 -2.89
C GLY A 695 4.70 -14.10 -2.54
N ALA A 696 3.54 -13.46 -2.37
CA ALA A 696 2.32 -14.17 -2.06
C ALA A 696 1.74 -14.96 -3.25
N ASN A 697 2.25 -14.76 -4.49
CA ASN A 697 1.81 -15.61 -5.62
C ASN A 697 1.93 -17.08 -5.25
N VAL A 698 2.99 -17.44 -4.55
CA VAL A 698 3.26 -18.81 -4.14
C VAL A 698 2.14 -19.37 -3.25
N GLU A 699 1.73 -18.58 -2.27
CA GLU A 699 0.64 -18.99 -1.37
C GLU A 699 -0.71 -18.99 -2.05
N MET A 700 -0.91 -18.05 -2.97
CA MET A 700 -2.14 -17.98 -3.76
C MET A 700 -2.32 -19.24 -4.63
N ALA A 701 -1.26 -19.61 -5.35
CA ALA A 701 -1.23 -20.83 -6.16
C ALA A 701 -1.44 -22.09 -5.30
N GLU A 702 -0.83 -22.09 -4.13
CA GLU A 702 -1.01 -23.18 -3.18
C GLU A 702 -2.47 -23.28 -2.72
N GLU A 703 -3.14 -22.16 -2.47
CA GLU A 703 -4.54 -22.19 -2.04
C GLU A 703 -5.47 -22.63 -3.15
N ALA A 704 -5.24 -22.14 -4.37
CA ALA A 704 -6.13 -22.43 -5.50
C ALA A 704 -5.81 -23.76 -6.22
N GLY A 705 -4.60 -24.28 -6.05
CA GLY A 705 -4.08 -25.37 -6.86
C GLY A 705 -3.33 -24.76 -8.01
N GLU A 706 -2.13 -25.30 -8.27
CA GLU A 706 -1.25 -24.77 -9.34
C GLU A 706 -1.87 -24.87 -10.71
N GLU A 707 -2.74 -25.87 -10.91
CA GLU A 707 -3.50 -26.04 -12.14
C GLU A 707 -4.52 -24.92 -12.43
N ASN A 708 -4.86 -24.10 -11.44
CA ASN A 708 -5.78 -22.96 -11.62
C ASN A 708 -5.06 -21.62 -11.62
N PHE A 709 -3.76 -21.68 -11.91
CA PHE A 709 -2.87 -20.54 -11.88
C PHE A 709 -1.92 -20.67 -13.06
N PHE A 710 -1.60 -19.56 -13.71
CA PHE A 710 -0.69 -19.56 -14.84
C PHE A 710 0.71 -19.20 -14.34
N ILE A 711 1.40 -20.21 -13.82
CA ILE A 711 2.74 -20.09 -13.27
C ILE A 711 3.77 -20.27 -14.35
N PHE A 712 4.78 -19.43 -14.33
CA PHE A 712 5.86 -19.51 -15.30
C PHE A 712 7.15 -18.96 -14.69
N GLY A 713 8.25 -19.27 -15.35
CA GLY A 713 9.53 -18.63 -15.10
C GLY A 713 10.42 -19.27 -14.06
N MET A 714 11.57 -18.63 -13.88
CA MET A 714 12.54 -19.05 -12.90
C MET A 714 11.90 -19.01 -11.52
N ARG A 715 12.20 -20.03 -10.73
CA ARG A 715 12.02 -19.99 -9.28
C ARG A 715 13.22 -19.26 -8.67
N VAL A 716 13.12 -18.91 -7.39
CA VAL A 716 14.22 -18.29 -6.66
C VAL A 716 15.57 -19.02 -6.87
N GLU A 717 15.53 -20.35 -6.75
CA GLU A 717 16.71 -21.21 -6.88
C GLU A 717 17.35 -21.09 -8.26
N ASP A 718 16.52 -20.95 -9.29
CA ASP A 718 17.00 -20.79 -10.67
C ASP A 718 17.71 -19.45 -10.83
N VAL A 719 17.19 -18.41 -10.20
CA VAL A 719 17.83 -17.10 -10.24
C VAL A 719 19.23 -17.16 -9.63
N ASP A 720 19.35 -17.79 -8.47
CA ASP A 720 20.65 -18.00 -7.82
C ASP A 720 21.64 -18.75 -8.69
N ARG A 721 21.20 -19.86 -9.30
CA ARG A 721 22.05 -20.64 -10.21
C ARG A 721 22.56 -19.76 -11.35
N LEU A 722 21.69 -18.91 -11.90
CA LEU A 722 22.09 -17.95 -12.94
C LEU A 722 23.13 -16.94 -12.45
N ASP A 723 22.90 -16.37 -11.25
CA ASP A 723 23.85 -15.40 -10.66
C ASP A 723 25.25 -16.00 -10.46
N GLN A 724 25.31 -17.24 -9.97
CA GLN A 724 26.59 -17.92 -9.73
C GLN A 724 27.41 -18.02 -10.99
N ARG A 725 26.81 -18.48 -12.08
CA ARG A 725 27.55 -18.58 -13.34
C ARG A 725 27.61 -17.27 -14.15
N GLY A 726 26.68 -16.34 -13.90
CA GLY A 726 26.68 -15.01 -14.53
C GLY A 726 25.54 -14.86 -15.55
N TYR A 727 24.84 -13.73 -15.49
CA TYR A 727 23.73 -13.49 -16.41
C TYR A 727 24.23 -12.83 -17.68
N ASN A 728 24.25 -13.59 -18.77
CA ASN A 728 24.59 -13.10 -20.11
C ASN A 728 23.33 -12.99 -20.98
N ALA A 729 22.81 -11.77 -21.08
CA ALA A 729 21.61 -11.48 -21.88
C ALA A 729 21.81 -11.77 -23.36
N GLN A 730 23.03 -11.58 -23.85
CA GLN A 730 23.36 -11.83 -25.25
C GLN A 730 22.99 -13.26 -25.69
N GLU A 731 23.21 -14.24 -24.80
CA GLU A 731 22.89 -15.64 -25.08
C GLU A 731 21.42 -15.84 -25.46
N TYR A 732 20.49 -15.16 -24.77
CA TYR A 732 19.08 -15.21 -25.09
C TYR A 732 18.78 -14.49 -26.41
N TYR A 733 19.40 -13.33 -26.60
CA TYR A 733 19.30 -12.60 -27.87
C TYR A 733 19.77 -13.45 -29.07
N ASP A 734 20.85 -14.22 -28.90
CA ASP A 734 21.38 -15.05 -29.99
C ASP A 734 20.50 -16.24 -30.32
N ARG A 735 19.76 -16.75 -29.34
CA ARG A 735 19.01 -17.99 -29.45
C ARG A 735 17.52 -17.86 -29.72
N ILE A 736 16.95 -16.67 -29.55
CA ILE A 736 15.51 -16.50 -29.68
C ILE A 736 15.23 -15.47 -30.77
N PRO A 737 14.98 -15.92 -32.02
CA PRO A 737 14.76 -15.01 -33.16
C PRO A 737 13.70 -13.94 -32.91
N GLU A 738 12.61 -14.35 -32.26
CA GLU A 738 11.52 -13.44 -31.95
C GLU A 738 11.95 -12.32 -31.00
N LEU A 739 12.80 -12.65 -30.03
CA LEU A 739 13.39 -11.65 -29.15
C LEU A 739 14.38 -10.72 -29.87
N ARG A 740 15.18 -11.28 -30.77
CA ARG A 740 16.16 -10.50 -31.52
C ARG A 740 15.47 -9.44 -32.38
N GLN A 741 14.39 -9.85 -33.06
CA GLN A 741 13.58 -8.92 -33.84
C GLN A 741 13.10 -7.73 -33.00
N ILE A 742 12.62 -8.00 -31.79
CA ILE A 742 12.09 -6.93 -30.92
C ILE A 742 13.18 -5.92 -30.53
N ILE A 743 14.36 -6.44 -30.18
CA ILE A 743 15.49 -5.59 -29.82
C ILE A 743 15.94 -4.75 -31.01
N GLU A 744 15.92 -5.31 -32.21
CA GLU A 744 16.27 -4.56 -33.40
C GLU A 744 15.24 -3.46 -33.69
N GLN A 745 13.96 -3.76 -33.49
CA GLN A 745 12.91 -2.76 -33.66
C GLN A 745 13.07 -1.59 -32.71
N LEU A 746 13.34 -1.87 -31.43
CA LEU A 746 13.61 -0.82 -30.43
C LEU A 746 14.83 0.02 -30.76
N SER A 747 15.93 -0.66 -31.09
CA SER A 747 17.20 -0.03 -31.50
C SER A 747 17.08 0.85 -32.73
N SER A 748 16.36 0.36 -33.74
CA SER A 748 16.36 0.99 -35.06
C SER A 748 15.41 2.19 -35.19
N GLY A 749 14.56 2.40 -34.20
CA GLY A 749 13.58 3.50 -34.24
C GLY A 749 12.21 3.13 -34.77
N PHE A 750 11.88 1.83 -34.78
CA PHE A 750 10.58 1.37 -35.23
C PHE A 750 9.45 1.98 -34.38
N PHE A 751 9.65 2.05 -33.07
CA PHE A 751 8.66 2.64 -32.15
C PHE A 751 8.84 4.12 -31.82
N SER A 752 9.88 4.74 -32.40
CA SER A 752 10.17 6.16 -32.19
C SER A 752 10.74 6.73 -33.50
N PRO A 753 9.90 6.82 -34.56
CA PRO A 753 10.43 7.15 -35.89
C PRO A 753 11.16 8.50 -35.95
N LYS A 754 10.69 9.47 -35.16
CA LYS A 754 11.23 10.82 -35.20
C LYS A 754 12.53 10.91 -34.42
N GLN A 755 12.64 10.20 -33.30
CA GLN A 755 13.89 10.10 -32.53
C GLN A 755 14.34 8.64 -32.54
N PRO A 756 15.08 8.21 -33.59
CA PRO A 756 15.40 6.77 -33.70
C PRO A 756 16.18 6.14 -32.53
N ASP A 757 16.93 6.95 -31.78
CA ASP A 757 17.73 6.45 -30.65
C ASP A 757 17.09 6.67 -29.27
N LEU A 758 15.77 6.91 -29.24
CA LEU A 758 15.07 7.30 -28.01
C LEU A 758 15.20 6.24 -26.91
N PHE A 759 15.11 4.98 -27.32
CA PHE A 759 15.10 3.84 -26.40
C PHE A 759 16.42 3.10 -26.29
N LYS A 760 17.54 3.75 -26.61
CA LYS A 760 18.83 3.06 -26.60
C LYS A 760 19.26 2.77 -25.16
N ASP A 761 18.81 3.57 -24.19
CA ASP A 761 19.08 3.26 -22.78
C ASP A 761 18.42 1.97 -22.29
N ILE A 762 17.21 1.71 -22.79
CA ILE A 762 16.47 0.49 -22.44
C ILE A 762 17.14 -0.74 -23.06
N VAL A 763 17.49 -0.64 -24.34
CA VAL A 763 18.20 -1.72 -25.01
C VAL A 763 19.51 -2.02 -24.28
N ASN A 764 20.24 -0.96 -23.96
CA ASN A 764 21.51 -1.09 -23.26
C ASN A 764 21.40 -1.80 -21.92
N MET A 765 20.37 -1.43 -21.17
CA MET A 765 20.15 -2.01 -19.87
C MET A 765 19.82 -3.50 -20.00
N LEU A 766 18.90 -3.84 -20.91
CA LEU A 766 18.50 -5.22 -21.15
C LEU A 766 19.66 -6.12 -21.58
N MET A 767 20.54 -5.59 -22.42
CA MET A 767 21.65 -6.34 -23.00
C MET A 767 22.84 -6.47 -22.05
N HIS A 768 23.12 -5.45 -21.24
CA HIS A 768 24.34 -5.42 -20.39
C HIS A 768 24.20 -5.24 -18.88
N HIS A 769 23.10 -4.67 -18.39
CA HIS A 769 23.00 -4.26 -16.97
C HIS A 769 21.65 -4.62 -16.35
N ASP A 770 21.02 -5.71 -16.80
CA ASP A 770 19.70 -6.07 -16.30
C ASP A 770 19.81 -6.87 -14.99
N ARG A 771 19.51 -6.20 -13.88
CA ARG A 771 19.49 -6.88 -12.58
C ARG A 771 18.36 -7.90 -12.47
N PHE A 772 17.30 -7.73 -13.28
CA PHE A 772 16.07 -8.49 -13.10
C PHE A 772 15.75 -9.53 -14.18
N LYS A 773 16.73 -9.79 -15.06
CA LYS A 773 16.75 -10.98 -15.90
C LYS A 773 15.50 -11.13 -16.79
N VAL A 774 15.16 -10.06 -17.49
CA VAL A 774 13.95 -9.98 -18.30
C VAL A 774 13.98 -11.03 -19.42
N PHE A 775 15.08 -11.15 -20.13
CA PHE A 775 15.18 -12.13 -21.20
C PHE A 775 15.09 -13.58 -20.69
N ALA A 776 15.57 -13.85 -19.49
CA ALA A 776 15.60 -15.22 -18.96
C ALA A 776 14.21 -15.83 -18.84
N ASP A 777 13.22 -14.98 -18.59
CA ASP A 777 11.85 -15.45 -18.42
C ASP A 777 10.98 -15.25 -19.68
N TYR A 778 11.56 -14.69 -20.74
CA TYR A 778 10.79 -14.31 -21.93
C TYR A 778 10.11 -15.49 -22.60
N GLU A 779 10.89 -16.53 -22.88
CA GLU A 779 10.39 -17.68 -23.60
C GLU A 779 9.26 -18.39 -22.84
N GLU A 780 9.47 -18.66 -21.55
CA GLU A 780 8.38 -19.25 -20.74
C GLU A 780 7.15 -18.33 -20.57
N TYR A 781 7.36 -17.02 -20.47
CA TYR A 781 6.26 -16.06 -20.39
C TYR A 781 5.37 -16.07 -21.65
N VAL A 782 5.97 -15.95 -22.83
CA VAL A 782 5.22 -15.98 -24.10
C VAL A 782 4.41 -17.27 -24.24
N LYS A 783 5.04 -18.41 -23.93
CA LYS A 783 4.37 -19.70 -24.00
C LYS A 783 3.19 -19.83 -23.03
N CYS A 784 3.40 -19.38 -21.80
CA CYS A 784 2.35 -19.39 -20.80
C CYS A 784 1.20 -18.44 -21.21
N GLN A 785 1.57 -17.30 -21.81
CA GLN A 785 0.56 -16.39 -22.39
C GLN A 785 -0.31 -17.06 -23.47
N GLU A 786 0.25 -17.97 -24.26
CA GLU A 786 -0.54 -18.78 -25.23
C GLU A 786 -1.55 -19.70 -24.55
N ARG A 787 -1.20 -20.26 -23.39
CA ARG A 787 -2.13 -21.12 -22.65
C ARG A 787 -3.33 -20.32 -22.09
N VAL A 788 -3.07 -19.09 -21.68
CA VAL A 788 -4.10 -18.18 -21.24
C VAL A 788 -5.08 -17.91 -22.37
N SER A 789 -4.54 -17.62 -23.55
CA SER A 789 -5.38 -17.32 -24.73
C SER A 789 -6.24 -18.52 -25.10
N ALA A 790 -5.66 -19.72 -25.01
CA ALA A 790 -6.37 -20.97 -25.29
C ALA A 790 -7.52 -21.20 -24.31
N LEU A 791 -7.30 -20.95 -23.03
CA LEU A 791 -8.35 -21.12 -22.02
CA LEU A 791 -8.35 -21.13 -22.02
C LEU A 791 -9.47 -20.10 -22.21
N TYR A 792 -9.09 -18.89 -22.67
CA TYR A 792 -10.07 -17.81 -22.89
C TYR A 792 -11.04 -18.11 -24.03
N LYS A 793 -10.60 -18.92 -25.00
CA LYS A 793 -11.47 -19.41 -26.09
C LYS A 793 -12.60 -20.30 -25.62
N ASN A 794 -12.49 -20.84 -24.39
CA ASN A 794 -13.48 -21.72 -23.79
C ASN A 794 -14.08 -21.01 -22.55
N PRO A 795 -15.06 -20.08 -22.76
CA PRO A 795 -15.62 -19.26 -21.67
C PRO A 795 -16.07 -20.03 -20.41
N ARG A 796 -16.63 -21.22 -20.60
CA ARG A 796 -17.15 -22.00 -19.47
C ARG A 796 -16.03 -22.49 -18.55
N GLU A 797 -14.98 -23.04 -19.16
CA GLU A 797 -13.81 -23.51 -18.40
C GLU A 797 -12.97 -22.34 -17.84
N TRP A 798 -12.92 -21.22 -18.56
CA TRP A 798 -12.32 -20.02 -18.00
C TRP A 798 -13.06 -19.66 -16.70
N THR A 799 -14.39 -19.57 -16.77
CA THR A 799 -15.19 -19.16 -15.61
C THR A 799 -15.14 -20.17 -14.44
N ARG A 800 -15.07 -21.46 -14.76
CA ARG A 800 -14.91 -22.49 -13.73
C ARG A 800 -13.59 -22.34 -13.01
N MET A 801 -12.52 -22.02 -13.73
CA MET A 801 -11.23 -21.74 -13.10
C MET A 801 -11.27 -20.47 -12.22
N VAL A 802 -11.97 -19.44 -12.70
CA VAL A 802 -12.18 -18.22 -11.92
C VAL A 802 -12.85 -18.53 -10.60
N ILE A 803 -13.89 -19.36 -10.64
CA ILE A 803 -14.62 -19.72 -9.42
C ILE A 803 -13.70 -20.43 -8.40
N ARG A 804 -12.87 -21.34 -8.88
CA ARG A 804 -11.85 -21.97 -8.04
C ARG A 804 -10.86 -20.97 -7.39
N ASN A 805 -10.60 -19.84 -8.05
CA ASN A 805 -9.73 -18.79 -7.49
C ASN A 805 -10.46 -17.97 -6.42
N ILE A 806 -11.63 -17.46 -6.76
CA ILE A 806 -12.45 -16.67 -5.82
C ILE A 806 -12.76 -17.50 -4.58
N ALA A 807 -13.11 -18.76 -4.81
CA ALA A 807 -13.48 -19.69 -3.74
C ALA A 807 -12.36 -19.99 -2.74
N THR A 808 -11.10 -19.86 -3.17
CA THR A 808 -9.95 -20.08 -2.30
C THR A 808 -9.17 -18.79 -1.99
N SER A 809 -9.80 -17.63 -2.16
CA SER A 809 -9.12 -16.36 -1.87
C SER A 809 -9.19 -15.98 -0.38
N GLY A 810 -9.99 -16.71 0.41
CA GLY A 810 -10.21 -16.41 1.82
C GLY A 810 -8.99 -16.11 2.68
N LYS A 811 -7.92 -16.87 2.48
CA LYS A 811 -6.69 -16.67 3.28
C LYS A 811 -6.14 -15.23 3.22
N PHE A 812 -6.41 -14.55 2.12
CA PHE A 812 -5.80 -13.26 1.85
C PHE A 812 -6.65 -12.08 2.29
N SER A 813 -7.63 -12.34 3.15
CA SER A 813 -8.27 -11.30 3.93
C SER A 813 -7.29 -10.74 4.96
N SER A 814 -7.22 -9.42 5.06
CA SER A 814 -6.43 -8.76 6.11
C SER A 814 -6.97 -9.03 7.52
N ASP A 815 -8.20 -9.55 7.61
CA ASP A 815 -8.75 -9.99 8.90
C ASP A 815 -7.95 -11.15 9.42
N ARG A 816 -7.64 -12.10 8.54
CA ARG A 816 -6.78 -13.23 8.89
C ARG A 816 -5.40 -12.71 9.32
N THR A 817 -4.79 -11.89 8.47
CA THR A 817 -3.51 -11.29 8.76
C THR A 817 -3.47 -10.61 10.14
N ILE A 818 -4.46 -9.77 10.44
CA ILE A 818 -4.49 -9.02 11.70
C ILE A 818 -4.74 -9.91 12.92
N ALA A 819 -5.61 -10.90 12.77
CA ALA A 819 -5.79 -11.88 13.83
C ALA A 819 -4.47 -12.56 14.21
N GLN A 820 -3.59 -12.78 13.22
CA GLN A 820 -2.27 -13.37 13.48
C GLN A 820 -1.32 -12.37 14.15
N TYR A 821 -1.29 -11.13 13.67
CA TYR A 821 -0.55 -10.07 14.38
C TYR A 821 -0.99 -10.04 15.87
N ALA A 822 -2.31 -9.97 16.07
CA ALA A 822 -2.93 -9.91 17.37
C ALA A 822 -2.50 -11.04 18.32
N ARG A 823 -2.60 -12.28 17.86
CA ARG A 823 -2.29 -13.45 18.70
C ARG A 823 -0.81 -13.70 18.87
N GLU A 824 -0.02 -13.58 17.80
CA GLU A 824 1.36 -14.02 17.80
C GLU A 824 2.38 -12.91 18.05
N ILE A 825 1.96 -11.65 18.01
CA ILE A 825 2.86 -10.53 18.25
C ILE A 825 2.36 -9.57 19.35
N TRP A 826 1.12 -9.11 19.25
CA TRP A 826 0.60 -8.09 20.18
C TRP A 826 0.07 -8.67 21.48
N GLY A 827 -0.34 -9.94 21.48
CA GLY A 827 -0.91 -10.58 22.67
C GLY A 827 -2.29 -10.06 23.05
N VAL A 828 -3.17 -9.90 22.07
CA VAL A 828 -4.58 -9.52 22.30
C VAL A 828 -5.48 -10.43 21.47
N GLU A 829 -6.67 -10.73 21.99
CA GLU A 829 -7.67 -11.52 21.27
C GLU A 829 -8.57 -10.61 20.41
N PRO A 830 -8.71 -10.91 19.11
CA PRO A 830 -9.72 -10.19 18.34
C PRO A 830 -11.15 -10.56 18.78
N SER A 831 -12.09 -9.67 18.52
CA SER A 831 -13.50 -9.87 18.86
C SER A 831 -14.36 -9.52 17.64
N ARG A 832 -15.41 -10.28 17.39
CA ARG A 832 -16.43 -9.89 16.40
C ARG A 832 -17.73 -9.40 17.05
N GLN A 833 -17.76 -9.32 18.38
CA GLN A 833 -18.94 -8.82 19.09
C GLN A 833 -19.11 -7.31 18.88
N ARG A 834 -20.37 -6.91 18.74
CA ARG A 834 -20.73 -5.54 18.46
C ARG A 834 -20.71 -4.73 19.75
N LEU A 835 -20.21 -3.50 19.67
CA LEU A 835 -20.53 -2.50 20.69
C LEU A 835 -22.02 -2.13 20.52
N PRO A 836 -22.70 -1.73 21.62
CA PRO A 836 -24.07 -1.17 21.52
C PRO A 836 -24.15 0.06 20.59
N ALA A 837 -25.29 0.22 19.93
CA ALA A 837 -25.45 1.22 18.85
C ALA A 837 -25.71 2.65 19.35
C2 JNB B . 6.48 -0.71 -0.44
C3 JNB B . 7.56 0.28 -0.05
C4 JNB B . 8.64 -0.11 0.76
C5 JNB B . 9.63 0.81 1.11
C6 JNB B . 9.56 2.13 0.66
C7 JNB B . 8.48 2.51 -0.14
N1 JNB B . 6.73 -2.03 -0.40
C8 JNB B . 7.50 1.60 -0.49
C1' JNB B . 5.70 -3.03 -0.66
C2' JNB B . 6.34 -4.27 -1.29
C3' JNB B . 5.24 -5.29 -1.60
C4' JNB B . 4.36 -5.55 -0.37
C5' JNB B . 3.93 -4.25 0.32
C6' JNB B . 3.19 -4.49 1.64
O6' JNB B . 3.92 -5.37 2.50
O2 JNB B . 5.38 -0.27 -0.76
O5' JNB B . 5.05 -3.38 0.56
O4' JNB B . 3.20 -6.27 -0.81
O3' JNB B . 5.81 -6.54 -2.04
O2' JNB B . 7.06 -3.87 -2.46
C9 JNB B . 10.61 3.09 1.05
C14 JNB B . 10.26 4.40 1.43
C13 JNB B . 11.26 5.31 1.80
C12 JNB B . 12.59 4.92 1.78
C11 JNB B . 12.94 3.62 1.41
C10 JNB B . 11.95 2.71 1.03
N1 PLP C . -1.24 0.97 -5.66
C2 PLP C . -2.57 0.99 -5.46
C2A PLP C . -3.36 2.20 -5.82
C3 PLP C . -3.26 -0.16 -4.87
O3 PLP C . -4.62 -0.14 -4.66
C4 PLP C . -2.41 -1.34 -4.54
C4A PLP C . -2.98 -2.59 -3.93
C5 PLP C . -0.97 -1.24 -4.82
C6 PLP C . -0.45 -0.08 -5.38
C5A PLP C . 0.00 -2.37 -4.52
O4P PLP C . -0.06 -3.27 -5.62
P PLP C . 1.14 -4.28 -5.95
O1P PLP C . 0.65 -4.96 -7.21
O2P PLP C . 2.36 -3.42 -6.21
O3P PLP C . 1.27 -5.19 -4.77
#